data_6QYS
# 
_entry.id   6QYS 
# 
_audit_conform.dict_name       mmcif_pdbx.dic 
_audit_conform.dict_version    5.397 
_audit_conform.dict_location   http://mmcif.pdb.org/dictionaries/ascii/mmcif_pdbx.dic 
# 
loop_
_database_2.database_id 
_database_2.database_code 
_database_2.pdbx_database_accession 
_database_2.pdbx_DOI 
PDB   6QYS         pdb_00006qys 10.2210/pdb6qys/pdb 
WWPDB D_1292101153 ?            ?                   
BMRB  34370        ?            10.13018/BMR34370   
# 
loop_
_pdbx_audit_revision_history.ordinal 
_pdbx_audit_revision_history.data_content_type 
_pdbx_audit_revision_history.major_revision 
_pdbx_audit_revision_history.minor_revision 
_pdbx_audit_revision_history.revision_date 
1 'Structure model' 1 0 2019-09-11 
2 'Structure model' 1 1 2019-10-02 
3 'Structure model' 1 2 2023-06-14 
4 'Structure model' 2 0 2023-11-15 
5 'Structure model' 3 0 2024-05-01 
6 'Structure model' 3 1 2024-10-23 
# 
_pdbx_audit_revision_details.ordinal             1 
_pdbx_audit_revision_details.revision_ordinal    1 
_pdbx_audit_revision_details.data_content_type   'Structure model' 
_pdbx_audit_revision_details.provider            repository 
_pdbx_audit_revision_details.type                'Initial release' 
_pdbx_audit_revision_details.description         ? 
_pdbx_audit_revision_details.details             ? 
# 
loop_
_pdbx_audit_revision_group.ordinal 
_pdbx_audit_revision_group.revision_ordinal 
_pdbx_audit_revision_group.data_content_type 
_pdbx_audit_revision_group.group 
1  2 'Structure model' 'Data collection'      
2  2 'Structure model' 'Database references'  
3  3 'Structure model' 'Database references'  
4  3 'Structure model' Other                  
5  4 'Structure model' 'Atomic model'         
6  4 'Structure model' 'Data collection'      
7  4 'Structure model' 'Derived calculations' 
8  5 'Structure model' 'Database references'  
9  5 'Structure model' 'Polymer sequence'     
10 6 'Structure model' 'Structure summary'    
# 
loop_
_pdbx_audit_revision_category.ordinal 
_pdbx_audit_revision_category.revision_ordinal 
_pdbx_audit_revision_category.data_content_type 
_pdbx_audit_revision_category.category 
1  2 'Structure model' citation                  
2  2 'Structure model' citation_author           
3  3 'Structure model' database_2                
4  3 'Structure model' pdbx_database_status      
5  4 'Structure model' atom_site                 
6  4 'Structure model' chem_comp_atom            
7  4 'Structure model' chem_comp_bond            
8  4 'Structure model' struct_conn               
9  5 'Structure model' database_2                
10 5 'Structure model' entity_poly               
11 6 'Structure model' pdbx_entry_details        
12 6 'Structure model' pdbx_modification_feature 
# 
loop_
_pdbx_audit_revision_item.ordinal 
_pdbx_audit_revision_item.revision_ordinal 
_pdbx_audit_revision_item.data_content_type 
_pdbx_audit_revision_item.item 
1  2 'Structure model' '_citation.journal_volume'                   
2  2 'Structure model' '_citation.page_first'                       
3  2 'Structure model' '_citation.page_last'                        
4  2 'Structure model' '_citation_author.identifier_ORCID'          
5  3 'Structure model' '_database_2.pdbx_DOI'                       
6  3 'Structure model' '_database_2.pdbx_database_accession'        
7  3 'Structure model' '_pdbx_database_status.status_code_nmr_data' 
8  4 'Structure model' '_atom_site.Cartn_x'                         
9  4 'Structure model' '_atom_site.Cartn_y'                         
10 4 'Structure model' '_atom_site.Cartn_z'                         
11 4 'Structure model' '_atom_site.auth_atom_id'                    
12 4 'Structure model' '_atom_site.label_atom_id'                   
13 4 'Structure model' '_struct_conn.pdbx_leaving_atom_flag'        
14 5 'Structure model' '_database_2.pdbx_DOI'                       
15 5 'Structure model' '_entity_poly.pdbx_seq_one_letter_code_can'  
# 
_pdbx_database_status.status_code                     REL 
_pdbx_database_status.status_code_sf                  ? 
_pdbx_database_status.status_code_mr                  REL 
_pdbx_database_status.entry_id                        6QYS 
_pdbx_database_status.recvd_initial_deposition_date   2019-03-09 
_pdbx_database_status.SG_entry                        N 
_pdbx_database_status.deposit_site                    PDBE 
_pdbx_database_status.process_site                    PDBE 
_pdbx_database_status.status_code_cs                  REL 
_pdbx_database_status.methods_development_category    ? 
_pdbx_database_status.pdb_format_compatible           Y 
_pdbx_database_status.status_code_nmr_data            REL 
# 
loop_
_pdbx_database_related.db_name 
_pdbx_database_related.details 
_pdbx_database_related.db_id 
_pdbx_database_related.content_type 
PDB  .                                                                                           1WCO  unspecified 
PDB  'solution nmr of synthetic Mutacin I Ring B, major conformer'                               6QTF  unspecified 
PDB  'solution nmr of synthetic Nisin Ring B (Lan8,11) analogue'                                 6QM1  unspecified 
PDB  'solution nmr of synthetic Mutacin I Ring B, minor conformer'                               6QYR  unspecified 
BMRB 'Solution NMR of synthetic analogues of nisin and mutacin ring A and ring B - Nisin Ring B' 34370 unspecified 
# 
loop_
_audit_author.name 
_audit_author.pdbx_ordinal 
_audit_author.identifier_ORCID 
'Dickman, R.'    1 0000-0003-3139-5423 
'Mitchell, S.A.' 2 ?                   
'Figueiredo, A.' 3 0000-0001-7039-5341 
'Hansen, D.F.'   4 0000-0003-0891-220X 
'Tabor, A.B.'    5 0000-0001-8216-0347 
# 
loop_
_citation.abstract 
_citation.abstract_id_CAS 
_citation.book_id_ISBN 
_citation.book_publisher 
_citation.book_publisher_city 
_citation.book_title 
_citation.coordinate_linkage 
_citation.country 
_citation.database_id_Medline 
_citation.details 
_citation.id 
_citation.journal_abbrev 
_citation.journal_id_ASTM 
_citation.journal_id_CSD 
_citation.journal_id_ISSN 
_citation.journal_full 
_citation.journal_issue 
_citation.journal_volume 
_citation.language 
_citation.page_first 
_citation.page_last 
_citation.title 
_citation.year 
_citation.database_id_CSD 
_citation.pdbx_database_id_DOI 
_citation.pdbx_database_id_PubMed 
_citation.unpublished_flag 
? ? ? ? ? ? ? US ? ? primary J.Org.Chem.       JOCEAH 0035 0022-3263 ? ? 84 ? 11493 11512 
;Molecular Recognition of Lipid II by Lantibiotics: Synthesis and Conformational Studies of Analogues of Nisin and Mutacin Rings A and B.
;
2019 ? 10.1021/acs.joc.9b01253 31464129 ? 
? ? ? ? ? ? ? ?  ? ? 1       'To Be Published' ?      0353 ?         ? ? ?  ? ?     ?     
;A chemical biology approach to understanding molecular recognition of lipid II by nisin: Solid-phase synthesis and NMR ensemble analysis of nisin(1-12) and a synthetic ana-logue.
;
?    ? ?                       ?        ? 
# 
loop_
_citation_author.citation_id 
_citation_author.name 
_citation_author.ordinal 
_citation_author.identifier_ORCID 
primary 'Dickman, R.'      1  ?                   
primary 'Mitchell, S.A.'   2  ?                   
primary 'Figueiredo, A.M.' 3  ?                   
primary 'Hansen, D.F.'     4  ?                   
primary 'Tabor, A.B.'      5  ?                   
1       'Dickman, R.'      6  0000-0003-3139-5423 
1       'Danelius, E.'     7  0000-0002-7322-9661 
1       'Mitchell, S.A.'   8  ?                   
1       'Hansen, D.F.'     9  0000-0003-0891-220X 
1       'Erdelyi, M.'      10 0000-0003-0359-5970 
1       'Tabor, A.B.'      11 0000-0001-8216-0347 
# 
_entity.id                         1 
_entity.type                       polymer 
_entity.src_method                 syn 
_entity.pdbx_description           DBB-PRO-GLY-CYS-LYS 
_entity.formula_weight             489.609 
_entity.pdbx_number_of_molecules   1 
_entity.pdbx_ec                    ? 
_entity.pdbx_mutation              ? 
_entity.pdbx_fragment              ? 
_entity.details                    ? 
# 
_entity_poly.entity_id                      1 
_entity_poly.type                           'polypeptide(L)' 
_entity_poly.nstd_linkage                   no 
_entity_poly.nstd_monomer                   yes 
_entity_poly.pdbx_seq_one_letter_code       '(DBB)PGCK' 
_entity_poly.pdbx_seq_one_letter_code_can   XPGCK 
_entity_poly.pdbx_strand_id                 A 
_entity_poly.pdbx_target_identifier         ? 
# 
loop_
_entity_poly_seq.entity_id 
_entity_poly_seq.num 
_entity_poly_seq.mon_id 
_entity_poly_seq.hetero 
1 1 DBB n 
1 2 PRO n 
1 3 GLY n 
1 4 CYS n 
1 5 LYS n 
# 
_pdbx_entity_src_syn.entity_id              1 
_pdbx_entity_src_syn.pdbx_src_id            1 
_pdbx_entity_src_syn.pdbx_alt_source_flag   sample 
_pdbx_entity_src_syn.pdbx_beg_seq_num       1 
_pdbx_entity_src_syn.pdbx_end_seq_num       5 
_pdbx_entity_src_syn.organism_scientific    'Lactococcus lactis' 
_pdbx_entity_src_syn.organism_common_name   ? 
_pdbx_entity_src_syn.ncbi_taxonomy_id       1358 
_pdbx_entity_src_syn.details                ? 
# 
loop_
_chem_comp.id 
_chem_comp.type 
_chem_comp.mon_nstd_flag 
_chem_comp.name 
_chem_comp.pdbx_synonyms 
_chem_comp.formula 
_chem_comp.formula_weight 
CYS 'L-peptide linking' y CYSTEINE                    ? 'C3 H7 N O2 S'   121.158 
DBB 'D-peptide linking' . 'D-ALPHA-AMINOBUTYRIC ACID' ? 'C4 H9 N O2'     103.120 
GLY 'peptide linking'   y GLYCINE                     ? 'C2 H5 N O2'     75.067  
LYS 'L-peptide linking' y LYSINE                      ? 'C6 H15 N2 O2 1' 147.195 
PRO 'L-peptide linking' y PROLINE                     ? 'C5 H9 N O2'     115.130 
# 
loop_
_pdbx_poly_seq_scheme.asym_id 
_pdbx_poly_seq_scheme.entity_id 
_pdbx_poly_seq_scheme.seq_id 
_pdbx_poly_seq_scheme.mon_id 
_pdbx_poly_seq_scheme.ndb_seq_num 
_pdbx_poly_seq_scheme.pdb_seq_num 
_pdbx_poly_seq_scheme.auth_seq_num 
_pdbx_poly_seq_scheme.pdb_mon_id 
_pdbx_poly_seq_scheme.auth_mon_id 
_pdbx_poly_seq_scheme.pdb_strand_id 
_pdbx_poly_seq_scheme.pdb_ins_code 
_pdbx_poly_seq_scheme.hetero 
A 1 1 DBB 1 1 1 DBB DBB A . n 
A 1 2 PRO 2 2 2 PRO PRO A . n 
A 1 3 GLY 3 3 3 GLY GLY A . n 
A 1 4 CYS 4 4 4 CYS CYS A . n 
A 1 5 LYS 5 5 5 LYS LYS A . n 
# 
_exptl.absorpt_coefficient_mu     ? 
_exptl.absorpt_correction_T_max   ? 
_exptl.absorpt_correction_T_min   ? 
_exptl.absorpt_correction_type    ? 
_exptl.absorpt_process_details    ? 
_exptl.entry_id                   6QYS 
_exptl.crystals_number            ? 
_exptl.details                    ? 
_exptl.method                     'SOLUTION NMR' 
_exptl.method_details             ? 
# 
_struct.entry_id                     6QYS 
_struct.title                        'Solution NMR of synthetic analogues of nisin and mutacin ring A and ring B - Nisin Ring B' 
_struct.pdbx_model_details           ? 
_struct.pdbx_formula_weight          ? 
_struct.pdbx_formula_weight_method   ? 
_struct.pdbx_model_type_details      ? 
_struct.pdbx_CASP_flag               N 
# 
_struct_keywords.entry_id        6QYS 
_struct_keywords.text            'PEPTIDE ANTIBIOTIC, LANTIBIOTIC, ANTIMICROBIAL, BACTERIOCIN, THIOESTER, ANTIBIOTIC' 
_struct_keywords.pdbx_keywords   ANTIBIOTIC 
# 
_struct_asym.id                            A 
_struct_asym.pdbx_blank_PDB_chainid_flag   N 
_struct_asym.pdbx_modified                 N 
_struct_asym.entity_id                     1 
_struct_asym.details                       ? 
# 
_struct_ref.id                         1 
_struct_ref.db_name                    PDB 
_struct_ref.db_code                    6QYS 
_struct_ref.pdbx_db_accession          6QYS 
_struct_ref.pdbx_db_isoform            ? 
_struct_ref.entity_id                  1 
_struct_ref.pdbx_seq_one_letter_code   ? 
_struct_ref.pdbx_align_begin           1 
# 
_struct_ref_seq.align_id                      1 
_struct_ref_seq.ref_id                        1 
_struct_ref_seq.pdbx_PDB_id_code              6QYS 
_struct_ref_seq.pdbx_strand_id                A 
_struct_ref_seq.seq_align_beg                 1 
_struct_ref_seq.pdbx_seq_align_beg_ins_code   ? 
_struct_ref_seq.seq_align_end                 5 
_struct_ref_seq.pdbx_seq_align_end_ins_code   ? 
_struct_ref_seq.pdbx_db_accession             6QYS 
_struct_ref_seq.db_align_beg                  1 
_struct_ref_seq.pdbx_db_align_beg_ins_code    ? 
_struct_ref_seq.db_align_end                  5 
_struct_ref_seq.pdbx_db_align_end_ins_code    ? 
_struct_ref_seq.pdbx_auth_seq_align_beg       1 
_struct_ref_seq.pdbx_auth_seq_align_end       5 
# 
_pdbx_struct_assembly.id                   1 
_pdbx_struct_assembly.details              author_and_software_defined_assembly 
_pdbx_struct_assembly.method_details       PISA 
_pdbx_struct_assembly.oligomeric_details   monomeric 
_pdbx_struct_assembly.oligomeric_count     1 
# 
loop_
_pdbx_struct_assembly_prop.biol_id 
_pdbx_struct_assembly_prop.type 
_pdbx_struct_assembly_prop.value 
_pdbx_struct_assembly_prop.details 
1 'ABSA (A^2)' 0   ? 
1 MORE         0   ? 
1 'SSA (A^2)'  620 ? 
# 
_pdbx_struct_assembly_gen.assembly_id       1 
_pdbx_struct_assembly_gen.oper_expression   1 
_pdbx_struct_assembly_gen.asym_id_list      A 
# 
_pdbx_struct_assembly_auth_evidence.id                     1 
_pdbx_struct_assembly_auth_evidence.assembly_id            1 
_pdbx_struct_assembly_auth_evidence.experimental_support   none 
_pdbx_struct_assembly_auth_evidence.details                ? 
# 
_pdbx_struct_oper_list.id                   1 
_pdbx_struct_oper_list.type                 'identity operation' 
_pdbx_struct_oper_list.name                 1_555 
_pdbx_struct_oper_list.symmetry_operation   ? 
_pdbx_struct_oper_list.matrix[1][1]         1.0000000000 
_pdbx_struct_oper_list.matrix[1][2]         0.0000000000 
_pdbx_struct_oper_list.matrix[1][3]         0.0000000000 
_pdbx_struct_oper_list.vector[1]            0.0000000000 
_pdbx_struct_oper_list.matrix[2][1]         0.0000000000 
_pdbx_struct_oper_list.matrix[2][2]         1.0000000000 
_pdbx_struct_oper_list.matrix[2][3]         0.0000000000 
_pdbx_struct_oper_list.vector[2]            0.0000000000 
_pdbx_struct_oper_list.matrix[3][1]         0.0000000000 
_pdbx_struct_oper_list.matrix[3][2]         0.0000000000 
_pdbx_struct_oper_list.matrix[3][3]         1.0000000000 
_pdbx_struct_oper_list.vector[3]            0.0000000000 
# 
loop_
_struct_conn.id 
_struct_conn.conn_type_id 
_struct_conn.pdbx_leaving_atom_flag 
_struct_conn.pdbx_PDB_id 
_struct_conn.ptnr1_label_asym_id 
_struct_conn.ptnr1_label_comp_id 
_struct_conn.ptnr1_label_seq_id 
_struct_conn.ptnr1_label_atom_id 
_struct_conn.pdbx_ptnr1_label_alt_id 
_struct_conn.pdbx_ptnr1_PDB_ins_code 
_struct_conn.pdbx_ptnr1_standard_comp_id 
_struct_conn.ptnr1_symmetry 
_struct_conn.ptnr2_label_asym_id 
_struct_conn.ptnr2_label_comp_id 
_struct_conn.ptnr2_label_seq_id 
_struct_conn.ptnr2_label_atom_id 
_struct_conn.pdbx_ptnr2_label_alt_id 
_struct_conn.pdbx_ptnr2_PDB_ins_code 
_struct_conn.ptnr1_auth_asym_id 
_struct_conn.ptnr1_auth_comp_id 
_struct_conn.ptnr1_auth_seq_id 
_struct_conn.ptnr2_auth_asym_id 
_struct_conn.ptnr2_auth_comp_id 
_struct_conn.ptnr2_auth_seq_id 
_struct_conn.ptnr2_symmetry 
_struct_conn.pdbx_ptnr3_label_atom_id 
_struct_conn.pdbx_ptnr3_label_seq_id 
_struct_conn.pdbx_ptnr3_label_comp_id 
_struct_conn.pdbx_ptnr3_label_asym_id 
_struct_conn.pdbx_ptnr3_label_alt_id 
_struct_conn.pdbx_ptnr3_PDB_ins_code 
_struct_conn.details 
_struct_conn.pdbx_dist_value 
_struct_conn.pdbx_value_order 
_struct_conn.pdbx_role 
covale1 covale both ? A DBB 1 C  ? ? ? 1_555 A PRO 2 N  ? ? A DBB 1 A PRO 2 1_555 ? ? ? ? ? ? ? 1.317 ? ? 
covale2 covale one  ? A DBB 1 CB ? ? ? 1_555 A CYS 4 SG ? ? A DBB 1 A CYS 4 1_555 ? ? ? ? ? ? ? 1.827 ? ? 
# 
_struct_conn_type.id          covale 
_struct_conn_type.criteria    ? 
_struct_conn_type.reference   ? 
# 
loop_
_pdbx_modification_feature.ordinal 
_pdbx_modification_feature.label_comp_id 
_pdbx_modification_feature.label_asym_id 
_pdbx_modification_feature.label_seq_id 
_pdbx_modification_feature.label_alt_id 
_pdbx_modification_feature.modified_residue_label_comp_id 
_pdbx_modification_feature.modified_residue_label_asym_id 
_pdbx_modification_feature.modified_residue_label_seq_id 
_pdbx_modification_feature.modified_residue_label_alt_id 
_pdbx_modification_feature.auth_comp_id 
_pdbx_modification_feature.auth_asym_id 
_pdbx_modification_feature.auth_seq_id 
_pdbx_modification_feature.PDB_ins_code 
_pdbx_modification_feature.symmetry 
_pdbx_modification_feature.modified_residue_auth_comp_id 
_pdbx_modification_feature.modified_residue_auth_asym_id 
_pdbx_modification_feature.modified_residue_auth_seq_id 
_pdbx_modification_feature.modified_residue_PDB_ins_code 
_pdbx_modification_feature.modified_residue_symmetry 
_pdbx_modification_feature.comp_id_linking_atom 
_pdbx_modification_feature.modified_residue_id_linking_atom 
_pdbx_modification_feature.modified_residue_id 
_pdbx_modification_feature.ref_pcm_id 
_pdbx_modification_feature.ref_comp_id 
_pdbx_modification_feature.type 
_pdbx_modification_feature.category 
1 DBB A 1 ? .   . . . DBB A 1 ? 1_555 .   . . . .     .  .  ? 1 DBB None 'Non-standard residue' 
2 DBB A 1 ? CYS A 4 ? DBB A 1 ? 1_555 CYS A 4 ? 1_555 CB SG . . .   None 'Non-standard linkage' 
# 
loop_
_struct_mon_prot_cis.pdbx_id 
_struct_mon_prot_cis.label_comp_id 
_struct_mon_prot_cis.label_seq_id 
_struct_mon_prot_cis.label_asym_id 
_struct_mon_prot_cis.label_alt_id 
_struct_mon_prot_cis.pdbx_PDB_ins_code 
_struct_mon_prot_cis.auth_comp_id 
_struct_mon_prot_cis.auth_seq_id 
_struct_mon_prot_cis.auth_asym_id 
_struct_mon_prot_cis.pdbx_label_comp_id_2 
_struct_mon_prot_cis.pdbx_label_seq_id_2 
_struct_mon_prot_cis.pdbx_label_asym_id_2 
_struct_mon_prot_cis.pdbx_PDB_ins_code_2 
_struct_mon_prot_cis.pdbx_auth_comp_id_2 
_struct_mon_prot_cis.pdbx_auth_seq_id_2 
_struct_mon_prot_cis.pdbx_auth_asym_id_2 
_struct_mon_prot_cis.pdbx_PDB_model_num 
_struct_mon_prot_cis.pdbx_omega_angle 
1  DBB 1 A . ? DBB 1 A PRO 2 A ? PRO 2 A 1  1.29 
2  DBB 1 A . ? DBB 1 A PRO 2 A ? PRO 2 A 2  0.80 
3  DBB 1 A . ? DBB 1 A PRO 2 A ? PRO 2 A 3  0.89 
4  DBB 1 A . ? DBB 1 A PRO 2 A ? PRO 2 A 4  0.93 
5  DBB 1 A . ? DBB 1 A PRO 2 A ? PRO 2 A 5  0.89 
6  DBB 1 A . ? DBB 1 A PRO 2 A ? PRO 2 A 6  1.35 
7  DBB 1 A . ? DBB 1 A PRO 2 A ? PRO 2 A 7  1.23 
8  DBB 1 A . ? DBB 1 A PRO 2 A ? PRO 2 A 8  0.92 
9  DBB 1 A . ? DBB 1 A PRO 2 A ? PRO 2 A 9  0.83 
10 DBB 1 A . ? DBB 1 A PRO 2 A ? PRO 2 A 10 1.18 
11 DBB 1 A . ? DBB 1 A PRO 2 A ? PRO 2 A 11 0.92 
12 DBB 1 A . ? DBB 1 A PRO 2 A ? PRO 2 A 12 0.95 
13 DBB 1 A . ? DBB 1 A PRO 2 A ? PRO 2 A 13 1.23 
14 DBB 1 A . ? DBB 1 A PRO 2 A ? PRO 2 A 14 0.89 
15 DBB 1 A . ? DBB 1 A PRO 2 A ? PRO 2 A 15 1.51 
# 
_pdbx_entry_details.entry_id                   6QYS 
_pdbx_entry_details.compound_details           ? 
_pdbx_entry_details.source_details             ? 
_pdbx_entry_details.nonpolymer_details         ? 
_pdbx_entry_details.sequence_details           ? 
_pdbx_entry_details.has_ligand_of_interest     ? 
_pdbx_entry_details.has_protein_modification   Y 
# 
loop_
_pdbx_validate_torsion.id 
_pdbx_validate_torsion.PDB_model_num 
_pdbx_validate_torsion.auth_comp_id 
_pdbx_validate_torsion.auth_asym_id 
_pdbx_validate_torsion.auth_seq_id 
_pdbx_validate_torsion.PDB_ins_code 
_pdbx_validate_torsion.label_alt_id 
_pdbx_validate_torsion.phi 
_pdbx_validate_torsion.psi 
1  1  CYS A 4 ? ? -19.27 -104.94 
2  2  CYS A 4 ? ? -18.95 -104.72 
3  3  CYS A 4 ? ? -17.65 -97.64  
4  4  CYS A 4 ? ? -18.17 -103.40 
5  5  CYS A 4 ? ? -18.19 -94.83  
6  6  CYS A 4 ? ? -18.47 -98.03  
7  7  CYS A 4 ? ? -18.69 -55.37  
8  8  CYS A 4 ? ? -18.14 -101.33 
9  9  CYS A 4 ? ? -18.13 -96.10  
10 10 CYS A 4 ? ? -17.66 -79.03  
11 11 CYS A 4 ? ? -18.07 -100.70 
12 12 CYS A 4 ? ? -17.67 -97.66  
13 13 CYS A 4 ? ? -18.46 -92.52  
14 14 CYS A 4 ? ? -18.46 -104.05 
15 15 CYS A 4 ? ? -18.76 -101.93 
# 
_pdbx_nmr_ensemble.entry_id                             6QYS 
_pdbx_nmr_ensemble.conformers_calculated_total_number   150 
_pdbx_nmr_ensemble.conformers_submitted_total_number    15 
_pdbx_nmr_ensemble.conformer_selection_criteria         'structures with the lowest energy' 
# 
_pdbx_nmr_representative.entry_id             6QYS 
_pdbx_nmr_representative.conformer_id         1 
_pdbx_nmr_representative.selection_criteria   'closest to the average' 
# 
_pdbx_nmr_sample_details.solution_id      1 
_pdbx_nmr_sample_details.contents         '10.5 mg/mL Nisin ring B, DMSO' 
_pdbx_nmr_sample_details.solvent_system   DMSO 
_pdbx_nmr_sample_details.label            sample_1 
_pdbx_nmr_sample_details.type             'lyophilized powder' 
_pdbx_nmr_sample_details.details          ? 
# 
_pdbx_nmr_exptl_sample.solution_id           1 
_pdbx_nmr_exptl_sample.component             'Nisin ring B' 
_pdbx_nmr_exptl_sample.concentration         10.5 
_pdbx_nmr_exptl_sample.concentration_range   ? 
_pdbx_nmr_exptl_sample.concentration_units   mg/mL 
_pdbx_nmr_exptl_sample.isotopic_labeling     'natural abundance' 
# 
_pdbx_nmr_exptl_sample_conditions.conditions_id          1 
_pdbx_nmr_exptl_sample_conditions.temperature            298 
_pdbx_nmr_exptl_sample_conditions.pressure_units         atm 
_pdbx_nmr_exptl_sample_conditions.pressure               1 
_pdbx_nmr_exptl_sample_conditions.pH                     5.0 
_pdbx_nmr_exptl_sample_conditions.ionic_strength         'TFA salt' 
_pdbx_nmr_exptl_sample_conditions.details                ? 
_pdbx_nmr_exptl_sample_conditions.ionic_strength_err     ? 
_pdbx_nmr_exptl_sample_conditions.ionic_strength_units   'Not defined' 
_pdbx_nmr_exptl_sample_conditions.label                  DMSO_rt 
_pdbx_nmr_exptl_sample_conditions.pH_err                 ? 
_pdbx_nmr_exptl_sample_conditions.pH_units               pH 
_pdbx_nmr_exptl_sample_conditions.pressure_err           ? 
_pdbx_nmr_exptl_sample_conditions.temperature_err        ? 
_pdbx_nmr_exptl_sample_conditions.temperature_units      K 
# 
loop_
_pdbx_nmr_exptl.experiment_id 
_pdbx_nmr_exptl.conditions_id 
_pdbx_nmr_exptl.solution_id 
_pdbx_nmr_exptl.type 
_pdbx_nmr_exptl.spectrometer_id 
_pdbx_nmr_exptl.sample_state 
1 1 1 '2D 1H-1H COSY'  1 isotropic 
2 1 1 '2D 1H-1H NOESY' 1 isotropic 
3 1 1 '2D 1H-13C HSQC' 1 isotropic 
4 1 1 '2D 1H-13C HMBC' 1 isotropic 
# 
_pdbx_nmr_refine.entry_id           6QYS 
_pdbx_nmr_refine.method             'simulated annealing' 
_pdbx_nmr_refine.details            ? 
_pdbx_nmr_refine.software_ordinal   2 
# 
loop_
_pdbx_nmr_software.ordinal 
_pdbx_nmr_software.classification 
_pdbx_nmr_software.name 
_pdbx_nmr_software.version 
_pdbx_nmr_software.authors 
1 'structure calculation'     Xplor-NIH         2.45 'Schwieters, Kuszewski, Tjandra and Clore' 
2 refinement                  Xplor-NIH         2.45 'Schwieters, Kuszewski, Tjandra and Clore' 
3 'chemical shift assignment' 'CcpNmr Analysis' ?    CCPN                                       
4 'peak picking'              'CcpNmr Analysis' ?    CCPN                                       
# 
loop_
_chem_comp_atom.comp_id 
_chem_comp_atom.atom_id 
_chem_comp_atom.type_symbol 
_chem_comp_atom.pdbx_aromatic_flag 
_chem_comp_atom.pdbx_stereo_config 
_chem_comp_atom.pdbx_ordinal 
CYS N   N N N 1  
CYS CA  C N R 2  
CYS C   C N N 3  
CYS O   O N N 4  
CYS CB  C N N 5  
CYS SG  S N N 6  
CYS OXT O N N 7  
CYS H   H N N 8  
CYS H2  H N N 9  
CYS HA  H N N 10 
CYS HB2 H N N 11 
CYS HB3 H N N 12 
CYS HG  H N N 13 
CYS HXT H N N 14 
DBB N   N N N 15 
DBB CA  C N R 16 
DBB C   C N N 17 
DBB O   O N N 18 
DBB CB  C N N 19 
DBB CG  C N N 20 
DBB OXT O N N 21 
DBB H   H N N 22 
DBB H2  H N N 23 
DBB HA  H N N 24 
DBB HB2 H N N 25 
DBB HB3 H N N 26 
DBB HG1 H N N 27 
DBB HG2 H N N 28 
DBB HG3 H N N 29 
DBB HXT H N N 30 
GLY N   N N N 31 
GLY CA  C N N 32 
GLY C   C N N 33 
GLY O   O N N 34 
GLY OXT O N N 35 
GLY H   H N N 36 
GLY H2  H N N 37 
GLY HA2 H N N 38 
GLY HA3 H N N 39 
GLY HXT H N N 40 
LYS N   N N N 41 
LYS CA  C N S 42 
LYS C   C N N 43 
LYS O   O N N 44 
LYS CB  C N N 45 
LYS CG  C N N 46 
LYS CD  C N N 47 
LYS CE  C N N 48 
LYS NZ  N N N 49 
LYS OXT O N N 50 
LYS H   H N N 51 
LYS H2  H N N 52 
LYS HA  H N N 53 
LYS HB2 H N N 54 
LYS HB3 H N N 55 
LYS HG2 H N N 56 
LYS HG3 H N N 57 
LYS HD2 H N N 58 
LYS HD3 H N N 59 
LYS HE2 H N N 60 
LYS HE3 H N N 61 
LYS HZ1 H N N 62 
LYS HZ2 H N N 63 
LYS HZ3 H N N 64 
LYS HXT H N N 65 
PRO N   N N N 66 
PRO CA  C N S 67 
PRO C   C N N 68 
PRO O   O N N 69 
PRO CB  C N N 70 
PRO CG  C N N 71 
PRO CD  C N N 72 
PRO OXT O N N 73 
PRO H   H N N 74 
PRO HA  H N N 75 
PRO HB2 H N N 76 
PRO HB3 H N N 77 
PRO HG2 H N N 78 
PRO HG3 H N N 79 
PRO HD2 H N N 80 
PRO HD3 H N N 81 
PRO HXT H N N 82 
# 
loop_
_chem_comp_bond.comp_id 
_chem_comp_bond.atom_id_1 
_chem_comp_bond.atom_id_2 
_chem_comp_bond.value_order 
_chem_comp_bond.pdbx_aromatic_flag 
_chem_comp_bond.pdbx_stereo_config 
_chem_comp_bond.pdbx_ordinal 
CYS N   CA  sing N N 1  
CYS N   H   sing N N 2  
CYS N   H2  sing N N 3  
CYS CA  C   sing N N 4  
CYS CA  CB  sing N N 5  
CYS CA  HA  sing N N 6  
CYS C   O   doub N N 7  
CYS C   OXT sing N N 8  
CYS CB  SG  sing N N 9  
CYS CB  HB2 sing N N 10 
CYS CB  HB3 sing N N 11 
CYS SG  HG  sing N N 12 
CYS OXT HXT sing N N 13 
DBB N   CA  sing N N 14 
DBB CA  C   sing N N 15 
DBB CA  CB  sing N N 16 
DBB C   O   doub N N 17 
DBB CB  CG  sing N N 18 
DBB C   OXT sing N N 19 
DBB N   H   sing N N 20 
DBB N   H2  sing N N 21 
DBB CA  HA  sing N N 22 
DBB CB  HB2 sing N N 23 
DBB CB  HB3 sing N N 24 
DBB CG  HG1 sing N N 25 
DBB CG  HG2 sing N N 26 
DBB CG  HG3 sing N N 27 
DBB OXT HXT sing N N 28 
GLY N   CA  sing N N 29 
GLY N   H   sing N N 30 
GLY N   H2  sing N N 31 
GLY CA  C   sing N N 32 
GLY CA  HA2 sing N N 33 
GLY CA  HA3 sing N N 34 
GLY C   O   doub N N 35 
GLY C   OXT sing N N 36 
GLY OXT HXT sing N N 37 
LYS N   CA  sing N N 38 
LYS N   H   sing N N 39 
LYS N   H2  sing N N 40 
LYS CA  C   sing N N 41 
LYS CA  CB  sing N N 42 
LYS CA  HA  sing N N 43 
LYS C   O   doub N N 44 
LYS C   OXT sing N N 45 
LYS CB  CG  sing N N 46 
LYS CB  HB2 sing N N 47 
LYS CB  HB3 sing N N 48 
LYS CG  CD  sing N N 49 
LYS CG  HG2 sing N N 50 
LYS CG  HG3 sing N N 51 
LYS CD  CE  sing N N 52 
LYS CD  HD2 sing N N 53 
LYS CD  HD3 sing N N 54 
LYS CE  NZ  sing N N 55 
LYS CE  HE2 sing N N 56 
LYS CE  HE3 sing N N 57 
LYS NZ  HZ1 sing N N 58 
LYS NZ  HZ2 sing N N 59 
LYS NZ  HZ3 sing N N 60 
LYS OXT HXT sing N N 61 
PRO N   CA  sing N N 62 
PRO N   CD  sing N N 63 
PRO N   H   sing N N 64 
PRO CA  C   sing N N 65 
PRO CA  CB  sing N N 66 
PRO CA  HA  sing N N 67 
PRO C   O   doub N N 68 
PRO C   OXT sing N N 69 
PRO CB  CG  sing N N 70 
PRO CB  HB2 sing N N 71 
PRO CB  HB3 sing N N 72 
PRO CG  CD  sing N N 73 
PRO CG  HG2 sing N N 74 
PRO CG  HG3 sing N N 75 
PRO CD  HD2 sing N N 76 
PRO CD  HD3 sing N N 77 
PRO OXT HXT sing N N 78 
# 
_pdbx_audit_support.funding_organization   'Engineering and Physical Sciences Research Council' 
_pdbx_audit_support.country                'United Kingdom' 
_pdbx_audit_support.grant_number           EP/L504889/1 
_pdbx_audit_support.ordinal                1 
# 
_pdbx_nmr_spectrometer.spectrometer_id   1 
_pdbx_nmr_spectrometer.model             AVANCE 
_pdbx_nmr_spectrometer.type              ? 
_pdbx_nmr_spectrometer.manufacturer      Bruker 
_pdbx_nmr_spectrometer.field_strength    600 
_pdbx_nmr_spectrometer.details           ? 
# 
_atom_sites.entry_id                    6QYS 
_atom_sites.fract_transf_matrix[1][1]   1.000000 
_atom_sites.fract_transf_matrix[1][2]   0.000000 
_atom_sites.fract_transf_matrix[1][3]   0.000000 
_atom_sites.fract_transf_matrix[2][1]   0.000000 
_atom_sites.fract_transf_matrix[2][2]   1.000000 
_atom_sites.fract_transf_matrix[2][3]   0.000000 
_atom_sites.fract_transf_matrix[3][1]   0.000000 
_atom_sites.fract_transf_matrix[3][2]   0.000000 
_atom_sites.fract_transf_matrix[3][3]   1.000000 
_atom_sites.fract_transf_vector[1]      0.00000 
_atom_sites.fract_transf_vector[2]      0.00000 
_atom_sites.fract_transf_vector[3]      0.00000 
# 
loop_
_atom_type.symbol 
C 
H 
N 
O 
S 
# 
loop_
_atom_site.group_PDB 
_atom_site.id 
_atom_site.type_symbol 
_atom_site.label_atom_id 
_atom_site.label_alt_id 
_atom_site.label_comp_id 
_atom_site.label_asym_id 
_atom_site.label_entity_id 
_atom_site.label_seq_id 
_atom_site.pdbx_PDB_ins_code 
_atom_site.Cartn_x 
_atom_site.Cartn_y 
_atom_site.Cartn_z 
_atom_site.occupancy 
_atom_site.B_iso_or_equiv 
_atom_site.pdbx_formal_charge 
_atom_site.auth_seq_id 
_atom_site.auth_comp_id 
_atom_site.auth_asym_id 
_atom_site.auth_atom_id 
_atom_site.pdbx_PDB_model_num 
HETATM 1    N N   . DBB A 1 1 ? 0.098  -2.779 1.922  1.00 0.00 ? 1 DBB A N   1  
HETATM 2    C CA  . DBB A 1 1 ? -0.821 -2.337 0.851  1.00 0.00 ? 1 DBB A CA  1  
HETATM 3    C C   . DBB A 1 1 ? -1.022 -3.451 -0.172 1.00 0.00 ? 1 DBB A C   1  
HETATM 4    O O   . DBB A 1 1 ? -1.989 -4.206 -0.077 1.00 0.00 ? 1 DBB A O   1  
HETATM 5    C CB  . DBB A 1 1 ? -2.170 -1.952 1.454  1.00 0.00 ? 1 DBB A CB  1  
HETATM 6    C CG  . DBB A 1 1 ? -3.040 -1.323 0.358  1.00 0.00 ? 1 DBB A CG  1  
HETATM 7    H H2  . DBB A 1 1 ? -0.072 -3.783 2.129  1.00 0.00 ? 1 DBB A H2  1  
HETATM 8    H H   . DBB A 1 1 ? 1.080  -2.645 1.609  1.00 0.00 ? 1 DBB A H   1  
HETATM 9    H HA  . DBB A 1 1 ? -0.405 -1.503 0.364  1.00 0.00 ? 1 DBB A HA  1  
HETATM 10   H HB2 . DBB A 1 1 ? -2.649 -2.855 1.818  1.00 0.00 ? 1 DBB A HB2 1  
HETATM 11   H HG1 . DBB A 1 1 ? -2.562 -1.456 -0.604 1.00 0.00 ? 1 DBB A HG1 1  
HETATM 12   H HG2 . DBB A 1 1 ? -3.166 -0.270 0.557  1.00 0.00 ? 1 DBB A HG2 1  
HETATM 13   H HG3 . DBB A 1 1 ? -4.005 -1.805 0.346  1.00 0.00 ? 1 DBB A HG3 1  
HETATM 14   H HT3 . DBB A 1 1 ? -0.071 -2.211 2.775  1.00 0.00 ? 1 DBB A HT3 1  
ATOM   15   N N   . PRO A 1 2 ? -0.160 -3.565 -1.161 1.00 0.00 ? 2 PRO A N   1  
ATOM   16   C CA  . PRO A 1 2 ? 1.046  -2.685 -1.352 1.00 0.00 ? 2 PRO A CA  1  
ATOM   17   C C   . PRO A 1 2 ? 0.682  -1.221 -1.605 1.00 0.00 ? 2 PRO A C   1  
ATOM   18   O O   . PRO A 1 2 ? 1.438  -0.314 -1.257 1.00 0.00 ? 2 PRO A O   1  
ATOM   19   C CB  . PRO A 1 2 ? 1.761  -3.286 -2.573 1.00 0.00 ? 2 PRO A CB  1  
ATOM   20   C CG  . PRO A 1 2 ? 1.148  -4.630 -2.795 1.00 0.00 ? 2 PRO A CG  1  
ATOM   21   C CD  . PRO A 1 2 ? -0.265 -4.565 -2.222 1.00 0.00 ? 2 PRO A CD  1  
ATOM   22   H HA  . PRO A 1 2 ? 1.693  -2.758 -0.493 1.00 0.00 ? 2 PRO A HA  1  
ATOM   23   H HB2 . PRO A 1 2 ? 1.609  -2.658 -3.440 1.00 0.00 ? 2 PRO A HB2 1  
ATOM   24   H HB3 . PRO A 1 2 ? 2.816  -3.394 -2.372 1.00 0.00 ? 2 PRO A HB3 1  
ATOM   25   H HG2 . PRO A 1 2 ? 1.112  -4.851 -3.852 1.00 0.00 ? 2 PRO A HG2 1  
ATOM   26   H HG3 . PRO A 1 2 ? 1.713  -5.388 -2.276 1.00 0.00 ? 2 PRO A HG3 1  
ATOM   27   H HD2 . PRO A 1 2 ? -0.968 -4.242 -2.979 1.00 0.00 ? 2 PRO A HD2 1  
ATOM   28   H HD3 . PRO A 1 2 ? -0.557 -5.517 -1.808 1.00 0.00 ? 2 PRO A HD3 1  
ATOM   29   N N   . GLY A 1 3 ? -0.491 -1.003 -2.179 1.00 0.00 ? 3 GLY A N   1  
ATOM   30   C CA  . GLY A 1 3 ? -0.971 0.343  -2.440 1.00 0.00 ? 3 GLY A CA  1  
ATOM   31   C C   . GLY A 1 3 ? -0.837 1.196  -1.190 1.00 0.00 ? 3 GLY A C   1  
ATOM   32   O O   . GLY A 1 3 ? -0.436 2.360  -1.248 1.00 0.00 ? 3 GLY A O   1  
ATOM   33   H H   . GLY A 1 3 ? -1.055 -1.759 -2.413 1.00 0.00 ? 3 GLY A H   1  
ATOM   34   H HA2 . GLY A 1 3 ? -0.408 0.784  -3.249 1.00 0.00 ? 3 GLY A HA2 1  
ATOM   35   H HA3 . GLY A 1 3 ? -2.007 0.286  -2.707 1.00 0.00 ? 3 GLY A HA3 1  
ATOM   36   N N   . CYS A 1 4 ? -1.191 0.594  -0.063 1.00 0.00 ? 4 CYS A N   1  
ATOM   37   C CA  . CYS A 1 4 ? -1.134 1.263  1.226  1.00 0.00 ? 4 CYS A CA  1  
ATOM   38   C C   . CYS A 1 4 ? -0.210 2.484  1.181  1.00 0.00 ? 4 CYS A C   1  
ATOM   39   O O   . CYS A 1 4 ? -0.577 3.525  0.636  1.00 0.00 ? 4 CYS A O   1  
ATOM   40   C CB  . CYS A 1 4 ? -0.633 0.281  2.292  1.00 0.00 ? 4 CYS A CB  1  
ATOM   41   S SG  . CYS A 1 4 ? -1.997 -0.790 2.854  1.00 0.00 ? 4 CYS A SG  1  
ATOM   42   H H   . CYS A 1 4 ? -1.518 -0.324 -0.103 1.00 0.00 ? 4 CYS A H   1  
ATOM   43   H HA  . CYS A 1 4 ? -2.124 1.583  1.490  1.00 0.00 ? 4 CYS A HA  1  
ATOM   44   H HB2 . CYS A 1 4 ? 0.167  -0.318 1.894  1.00 0.00 ? 4 CYS A HB2 1  
ATOM   45   H HB3 . CYS A 1 4 ? -0.260 0.843  3.134  1.00 0.00 ? 4 CYS A HB3 1  
ATOM   46   N N   . LYS A 1 5 ? 0.981  2.355  1.764  1.00 0.00 ? 5 LYS A N   1  
ATOM   47   C CA  . LYS A 1 5 ? 1.935  3.453  1.790  1.00 0.00 ? 5 LYS A CA  1  
ATOM   48   C C   . LYS A 1 5 ? 2.594  3.629  0.425  1.00 0.00 ? 5 LYS A C   1  
ATOM   49   O O   . LYS A 1 5 ? 2.764  2.633  -0.260 1.00 0.00 ? 5 LYS A O   1  
ATOM   50   C CB  . LYS A 1 5 ? 3.002  3.166  2.848  1.00 0.00 ? 5 LYS A CB  1  
ATOM   51   C CG  . LYS A 1 5 ? 2.778  1.765  3.427  1.00 0.00 ? 5 LYS A CG  1  
ATOM   52   C CD  . LYS A 1 5 ? 3.855  1.464  4.470  1.00 0.00 ? 5 LYS A CD  1  
ATOM   53   C CE  . LYS A 1 5 ? 3.381  0.338  5.395  1.00 0.00 ? 5 LYS A CE  1  
ATOM   54   N NZ  . LYS A 1 5 ? 2.682  0.922  6.576  1.00 0.00 1 5 LYS A NZ  1  
ATOM   55   O OXT . LYS A 1 5 ? 2.916  4.756  0.086  1.00 0.00 ? 5 LYS A OXT 1  
ATOM   56   H H   . LYS A 1 5 ? 1.220  1.512  2.188  1.00 0.00 ? 5 LYS A H   1  
ATOM   57   H HA  . LYS A 1 5 ? 1.419  4.364  2.053  1.00 0.00 ? 5 LYS A HA  1  
ATOM   58   H HB2 . LYS A 1 5 ? 3.982  3.218  2.396  1.00 0.00 ? 5 LYS A HB2 1  
ATOM   59   H HB3 . LYS A 1 5 ? 2.930  3.895  3.641  1.00 0.00 ? 5 LYS A HB3 1  
ATOM   60   H HG2 . LYS A 1 5 ? 1.802  1.720  3.891  1.00 0.00 ? 5 LYS A HG2 1  
ATOM   61   H HG3 . LYS A 1 5 ? 2.833  1.035  2.634  1.00 0.00 ? 5 LYS A HG3 1  
ATOM   62   H HD2 . LYS A 1 5 ? 4.764  1.160  3.970  1.00 0.00 ? 5 LYS A HD2 1  
ATOM   63   H HD3 . LYS A 1 5 ? 4.045  2.351  5.056  1.00 0.00 ? 5 LYS A HD3 1  
ATOM   64   H HE2 . LYS A 1 5 ? 2.703  -0.309 4.859  1.00 0.00 ? 5 LYS A HE2 1  
ATOM   65   H HE3 . LYS A 1 5 ? 4.235  -0.233 5.731  1.00 0.00 ? 5 LYS A HE3 1  
ATOM   66   H HZ1 . LYS A 1 5 ? 2.129  1.751  6.275  1.00 0.00 ? 5 LYS A HZ1 1  
ATOM   67   H HZ2 . LYS A 1 5 ? 3.384  1.209  7.287  1.00 0.00 ? 5 LYS A HZ2 1  
ATOM   68   H HZ3 . LYS A 1 5 ? 2.042  0.214  6.986  1.00 0.00 ? 5 LYS A HZ3 1  
HETATM 69   N N   . DBB A 1 1 ? 0.071  -2.871 1.872  1.00 0.00 ? 1 DBB A N   2  
HETATM 70   C CA  . DBB A 1 1 ? -0.843 -2.364 0.826  1.00 0.00 ? 1 DBB A CA  2  
HETATM 71   C C   . DBB A 1 1 ? -1.063 -3.435 -0.241 1.00 0.00 ? 1 DBB A C   2  
HETATM 72   O O   . DBB A 1 1 ? -2.049 -4.171 -0.185 1.00 0.00 ? 1 DBB A O   2  
HETATM 73   C CB  . DBB A 1 1 ? -2.188 -1.983 1.448  1.00 0.00 ? 1 DBB A CB  2  
HETATM 74   C CG  . DBB A 1 1 ? -3.072 -1.353 0.365  1.00 0.00 ? 1 DBB A CG  2  
HETATM 75   H H2  . DBB A 1 1 ? 0.460  -2.065 2.404  1.00 0.00 ? 1 DBB A H2  2  
HETATM 76   H H   . DBB A 1 1 ? -0.452 -3.496 2.513  1.00 0.00 ? 1 DBB A H   2  
HETATM 77   H HA  . DBB A 1 1 ? -0.414 -1.515 0.373  1.00 0.00 ? 1 DBB A HA  2  
HETATM 78   H HB2 . DBB A 1 1 ? -2.660 -2.886 1.813  1.00 0.00 ? 1 DBB A HB2 2  
HETATM 79   H HG1 . DBB A 1 1 ? -2.621 -1.509 -0.606 1.00 0.00 ? 1 DBB A HG1 2  
HETATM 80   H HG2 . DBB A 1 1 ? -3.174 -0.296 0.550  1.00 0.00 ? 1 DBB A HG2 2  
HETATM 81   H HG3 . DBB A 1 1 ? -4.047 -1.818 0.383  1.00 0.00 ? 1 DBB A HG3 2  
HETATM 82   H HT3 . DBB A 1 1 ? 0.844  -3.400 1.424  1.00 0.00 ? 1 DBB A HT3 2  
ATOM   83   N N   . PRO A 1 2 ? -0.185 -3.537 -1.218 1.00 0.00 ? 2 PRO A N   2  
ATOM   84   C CA  . PRO A 1 2 ? 1.040  -2.678 -1.352 1.00 0.00 ? 2 PRO A CA  2  
ATOM   85   C C   . PRO A 1 2 ? 0.690  -1.214 -1.597 1.00 0.00 ? 2 PRO A C   2  
ATOM   86   O O   . PRO A 1 2 ? 1.447  -0.312 -1.240 1.00 0.00 ? 2 PRO A O   2  
ATOM   87   C CB  . PRO A 1 2 ? 1.785  -3.264 -2.559 1.00 0.00 ? 2 PRO A CB  2  
ATOM   88   C CG  . PRO A 1 2 ? 1.145  -4.585 -2.842 1.00 0.00 ? 2 PRO A CG  2  
ATOM   89   C CD  . PRO A 1 2 ? -0.283 -4.498 -2.315 1.00 0.00 ? 2 PRO A CD  2  
ATOM   90   H HA  . PRO A 1 2 ? 1.655  -2.770 -0.471 1.00 0.00 ? 2 PRO A HA  2  
ATOM   91   H HB2 . PRO A 1 2 ? 1.682  -2.608 -3.412 1.00 0.00 ? 2 PRO A HB2 2  
ATOM   92   H HB3 . PRO A 1 2 ? 2.828  -3.404 -2.321 1.00 0.00 ? 2 PRO A HB3 2  
ATOM   93   H HG2 . PRO A 1 2 ? 1.141  -4.773 -3.907 1.00 0.00 ? 2 PRO A HG2 2  
ATOM   94   H HG3 . PRO A 1 2 ? 1.674  -5.371 -2.326 1.00 0.00 ? 2 PRO A HG3 2  
ATOM   95   H HD2 . PRO A 1 2 ? -0.951 -4.130 -3.083 1.00 0.00 ? 2 PRO A HD2 2  
ATOM   96   H HD3 . PRO A 1 2 ? -0.615 -5.454 -1.943 1.00 0.00 ? 2 PRO A HD3 2  
ATOM   97   N N   . GLY A 1 3 ? -0.479 -0.996 -2.178 1.00 0.00 ? 3 GLY A N   2  
ATOM   98   C CA  . GLY A 1 3 ? -0.957 0.345  -2.436 1.00 0.00 ? 3 GLY A CA  2  
ATOM   99   C C   . GLY A 1 3 ? -0.833 1.189  -1.182 1.00 0.00 ? 3 GLY A C   2  
ATOM   100  O O   . GLY A 1 3 ? -0.429 2.350  -1.236 1.00 0.00 ? 3 GLY A O   2  
ATOM   101  H H   . GLY A 1 3 ? -1.041 -1.753 -2.415 1.00 0.00 ? 3 GLY A H   2  
ATOM   102  H HA2 . GLY A 1 3 ? -0.388 0.789  -3.239 1.00 0.00 ? 3 GLY A HA2 2  
ATOM   103  H HA3 . GLY A 1 3 ? -1.993 0.288  -2.712 1.00 0.00 ? 3 GLY A HA3 2  
ATOM   104  N N   . CYS A 1 4 ? -1.197 0.581  -0.058 1.00 0.00 ? 4 CYS A N   2  
ATOM   105  C CA  . CYS A 1 4 ? -1.148 1.249  1.233  1.00 0.00 ? 4 CYS A CA  2  
ATOM   106  C C   . CYS A 1 4 ? -0.226 2.476  1.184  1.00 0.00 ? 4 CYS A C   2  
ATOM   107  O O   . CYS A 1 4 ? -0.604 3.507  0.627  1.00 0.00 ? 4 CYS A O   2  
ATOM   108  C CB  . CYS A 1 4 ? -0.654 0.267  2.305  1.00 0.00 ? 4 CYS A CB  2  
ATOM   109  S SG  . CYS A 1 4 ? -2.013 -0.821 2.851  1.00 0.00 ? 4 CYS A SG  2  
ATOM   110  H H   . CYS A 1 4 ? -1.528 -0.338 -0.103 1.00 0.00 ? 4 CYS A H   2  
ATOM   111  H HA  . CYS A 1 4 ? -2.140 1.570  1.491  1.00 0.00 ? 4 CYS A HA  2  
ATOM   112  H HB2 . CYS A 1 4 ? 0.157  -0.324 1.919  1.00 0.00 ? 4 CYS A HB2 2  
ATOM   113  H HB3 . CYS A 1 4 ? -0.296 0.832  3.154  1.00 0.00 ? 4 CYS A HB3 2  
ATOM   114  N N   . LYS A 1 5 ? 0.974  2.359  1.763  1.00 0.00 ? 5 LYS A N   2  
ATOM   115  C CA  . LYS A 1 5 ? 1.942  3.456  1.780  1.00 0.00 ? 5 LYS A CA  2  
ATOM   116  C C   . LYS A 1 5 ? 1.348  4.740  1.211  1.00 0.00 ? 5 LYS A C   2  
ATOM   117  O O   . LYS A 1 5 ? 0.519  5.334  1.880  1.00 0.00 ? 5 LYS A O   2  
ATOM   118  C CB  . LYS A 1 5 ? 3.177  3.063  0.968  1.00 0.00 ? 5 LYS A CB  2  
ATOM   119  C CG  . LYS A 1 5 ? 3.630  1.659  1.376  1.00 0.00 ? 5 LYS A CG  2  
ATOM   120  C CD  . LYS A 1 5 ? 4.544  1.081  0.295  1.00 0.00 ? 5 LYS A CD  2  
ATOM   121  C CE  . LYS A 1 5 ? 5.206  -0.198 0.815  1.00 0.00 ? 5 LYS A CE  2  
ATOM   122  N NZ  . LYS A 1 5 ? 6.643  0.069  1.105  1.00 0.00 1 5 LYS A NZ  2  
ATOM   123  O OXT . LYS A 1 5 ? 1.731  5.112  0.114  1.00 0.00 ? 5 LYS A OXT 2  
ATOM   124  H H   . LYS A 1 5 ? 1.217  1.515  2.190  1.00 0.00 ? 5 LYS A H   2  
ATOM   125  H HA  . LYS A 1 5 ? 2.246  3.636  2.800  1.00 0.00 ? 5 LYS A HA  2  
ATOM   126  H HB2 . LYS A 1 5 ? 2.933  3.071  -0.085 1.00 0.00 ? 5 LYS A HB2 2  
ATOM   127  H HB3 . LYS A 1 5 ? 3.974  3.766  1.160  1.00 0.00 ? 5 LYS A HB3 2  
ATOM   128  H HG2 . LYS A 1 5 ? 4.167  1.714  2.312  1.00 0.00 ? 5 LYS A HG2 2  
ATOM   129  H HG3 . LYS A 1 5 ? 2.767  1.021  1.494  1.00 0.00 ? 5 LYS A HG3 2  
ATOM   130  H HD2 . LYS A 1 5 ? 3.960  0.852  -0.585 1.00 0.00 ? 5 LYS A HD2 2  
ATOM   131  H HD3 . LYS A 1 5 ? 5.307  1.802  0.044  1.00 0.00 ? 5 LYS A HD3 2  
ATOM   132  H HE2 . LYS A 1 5 ? 4.710  -0.518 1.719  1.00 0.00 ? 5 LYS A HE2 2  
ATOM   133  H HE3 . LYS A 1 5 ? 5.127  -0.973 0.067  1.00 0.00 ? 5 LYS A HE3 2  
ATOM   134  H HZ1 . LYS A 1 5 ? 6.738  0.999  1.560  1.00 0.00 ? 5 LYS A HZ1 2  
ATOM   135  H HZ2 . LYS A 1 5 ? 7.183  0.059  0.215  1.00 0.00 ? 5 LYS A HZ2 2  
ATOM   136  H HZ3 . LYS A 1 5 ? 7.011  -0.665 1.742  1.00 0.00 ? 5 LYS A HZ3 2  
HETATM 137  N N   . DBB A 1 1 ? 0.043  -2.955 1.778  1.00 0.00 ? 1 DBB A N   3  
HETATM 138  C CA  . DBB A 1 1 ? -0.874 -2.379 0.772  1.00 0.00 ? 1 DBB A CA  3  
HETATM 139  C C   . DBB A 1 1 ? -1.151 -3.405 -0.322 1.00 0.00 ? 1 DBB A C   3  
HETATM 140  O O   . DBB A 1 1 ? -2.180 -4.080 -0.293 1.00 0.00 ? 1 DBB A O   3  
HETATM 141  C CB  . DBB A 1 1 ? -2.194 -1.975 1.435  1.00 0.00 ? 1 DBB A CB  3  
HETATM 142  C CG  . DBB A 1 1 ? -3.079 -1.278 0.393  1.00 0.00 ? 1 DBB A CG  3  
HETATM 143  H H2  . DBB A 1 1 ? 0.939  -2.428 1.764  1.00 0.00 ? 1 DBB A H2  3  
HETATM 144  H H   . DBB A 1 1 ? -0.391 -2.886 2.718  1.00 0.00 ? 1 DBB A H   3  
HETATM 145  H HA  . DBB A 1 1 ? -0.419 -1.530 0.336  1.00 0.00 ? 1 DBB A HA  3  
HETATM 146  H HB2 . DBB A 1 1 ? -2.690 -2.876 1.776  1.00 0.00 ? 1 DBB A HB2 3  
HETATM 147  H HG1 . DBB A 1 1 ? -2.651 -1.410 -0.591 1.00 0.00 ? 1 DBB A HG1 3  
HETATM 148  H HG2 . DBB A 1 1 ? -3.144 -0.226 0.621  1.00 0.00 ? 1 DBB A HG2 3  
HETATM 149  H HG3 . DBB A 1 1 ? -4.066 -1.713 0.414  1.00 0.00 ? 1 DBB A HG3 3  
HETATM 150  H HT3 . DBB A 1 1 ? 0.221  -3.952 1.549  1.00 0.00 ? 1 DBB A HT3 3  
ATOM   151  N N   . PRO A 1 2 ? -0.275 -3.530 -1.292 1.00 0.00 ? 2 PRO A N   3  
ATOM   152  C CA  . PRO A 1 2 ? 0.998  -2.743 -1.390 1.00 0.00 ? 2 PRO A CA  3  
ATOM   153  C C   . PRO A 1 2 ? 0.738  -1.265 -1.669 1.00 0.00 ? 2 PRO A C   3  
ATOM   154  O O   . PRO A 1 2 ? 1.601  -0.415 -1.452 1.00 0.00 ? 2 PRO A O   3  
ATOM   155  C CB  . PRO A 1 2 ? 1.758  -3.390 -2.558 1.00 0.00 ? 2 PRO A CB  3  
ATOM   156  C CG  . PRO A 1 2 ? 1.015  -4.642 -2.902 1.00 0.00 ? 2 PRO A CG  3  
ATOM   157  C CD  . PRO A 1 2 ? -0.418 -4.449 -2.418 1.00 0.00 ? 2 PRO A CD  3  
ATOM   158  H HA  . PRO A 1 2 ? 1.571  -2.853 -0.484 1.00 0.00 ? 2 PRO A HA  3  
ATOM   159  H HB2 . PRO A 1 2 ? 1.773  -2.720 -3.406 1.00 0.00 ? 2 PRO A HB2 3  
ATOM   160  H HB3 . PRO A 1 2 ? 2.766  -3.632 -2.256 1.00 0.00 ? 2 PRO A HB3 3  
ATOM   161  H HG2 . PRO A 1 2 ? 1.031  -4.801 -3.971 1.00 0.00 ? 2 PRO A HG2 3  
ATOM   162  H HG3 . PRO A 1 2 ? 1.457  -5.486 -2.395 1.00 0.00 ? 2 PRO A HG3 3  
ATOM   163  H HD2 . PRO A 1 2 ? -1.026 -4.004 -3.196 1.00 0.00 ? 2 PRO A HD2 3  
ATOM   164  H HD3 . PRO A 1 2 ? -0.844 -5.382 -2.084 1.00 0.00 ? 2 PRO A HD3 3  
ATOM   165  N N   . GLY A 1 3 ? -0.473 -0.974 -2.121 1.00 0.00 ? 3 GLY A N   3  
ATOM   166  C CA  . GLY A 1 3 ? -0.877 0.390  -2.398 1.00 0.00 ? 3 GLY A CA  3  
ATOM   167  C C   . GLY A 1 3 ? -0.782 1.218  -1.132 1.00 0.00 ? 3 GLY A C   3  
ATOM   168  O O   . GLY A 1 3 ? -0.388 2.383  -1.157 1.00 0.00 ? 3 GLY A O   3  
ATOM   169  H H   . GLY A 1 3 ? -1.116 -1.692 -2.250 1.00 0.00 ? 3 GLY A H   3  
ATOM   170  H HA2 . GLY A 1 3 ? -0.241 0.814  -3.164 1.00 0.00 ? 3 GLY A HA2 3  
ATOM   171  H HA3 . GLY A 1 3 ? -1.896 0.382  -2.731 1.00 0.00 ? 3 GLY A HA3 3  
ATOM   172  N N   . CYS A 1 4 ? -1.161 0.587  -0.028 1.00 0.00 ? 4 CYS A N   3  
ATOM   173  C CA  . CYS A 1 4 ? -1.141 1.227  1.276  1.00 0.00 ? 4 CYS A CA  3  
ATOM   174  C C   . CYS A 1 4 ? -0.255 2.478  1.263  1.00 0.00 ? 4 CYS A C   3  
ATOM   175  O O   . CYS A 1 4 ? -0.700 3.547  0.846  1.00 0.00 ? 4 CYS A O   3  
ATOM   176  C CB  . CYS A 1 4 ? -0.618 0.230  2.319  1.00 0.00 ? 4 CYS A CB  3  
ATOM   177  S SG  . CYS A 1 4 ? -1.957 -0.875 2.878  1.00 0.00 ? 4 CYS A SG  3  
ATOM   178  H H   . CYS A 1 4 ? -1.486 -0.333 -0.099 1.00 0.00 ? 4 CYS A H   3  
ATOM   179  H HA  . CYS A 1 4 ? -2.144 1.507  1.537  1.00 0.00 ? 4 CYS A HA  3  
ATOM   180  H HB2 . CYS A 1 4 ? 0.186  -0.350 1.903  1.00 0.00 ? 4 CYS A HB2 3  
ATOM   181  H HB3 . CYS A 1 4 ? -0.243 0.783  3.170  1.00 0.00 ? 4 CYS A HB3 3  
ATOM   182  N N   . LYS A 1 5 ? 0.993  2.354  1.715  1.00 0.00 ? 5 LYS A N   3  
ATOM   183  C CA  . LYS A 1 5 ? 1.898  3.498  1.736  1.00 0.00 ? 5 LYS A CA  3  
ATOM   184  C C   . LYS A 1 5 ? 1.893  4.211  0.388  1.00 0.00 ? 5 LYS A C   3  
ATOM   185  O O   . LYS A 1 5 ? 2.006  5.426  0.382  1.00 0.00 ? 5 LYS A O   3  
ATOM   186  C CB  . LYS A 1 5 ? 3.319  3.034  2.069  1.00 0.00 ? 5 LYS A CB  3  
ATOM   187  C CG  . LYS A 1 5 ? 3.349  1.507  2.158  1.00 0.00 ? 5 LYS A CG  3  
ATOM   188  C CD  . LYS A 1 5 ? 4.801  1.025  2.188  1.00 0.00 ? 5 LYS A CD  3  
ATOM   189  C CE  . LYS A 1 5 ? 4.844  -0.481 1.919  1.00 0.00 ? 5 LYS A CE  3  
ATOM   190  N NZ  . LYS A 1 5 ? 4.685  -0.727 0.458  1.00 0.00 1 5 LYS A NZ  3  
ATOM   191  O OXT . LYS A 1 5 ? 1.776  3.532  -0.619 1.00 0.00 ? 5 LYS A OXT 3  
ATOM   192  H H   . LYS A 1 5 ? 1.311  1.490  2.039  1.00 0.00 ? 5 LYS A H   3  
ATOM   193  H HA  . LYS A 1 5 ? 1.571  4.190  2.499  1.00 0.00 ? 5 LYS A HA  3  
ATOM   194  H HB2 . LYS A 1 5 ? 3.997  3.365  1.297  1.00 0.00 ? 5 LYS A HB2 3  
ATOM   195  H HB3 . LYS A 1 5 ? 3.621  3.453  3.018  1.00 0.00 ? 5 LYS A HB3 3  
ATOM   196  H HG2 . LYS A 1 5 ? 2.844  1.189  3.059  1.00 0.00 ? 5 LYS A HG2 3  
ATOM   197  H HG3 . LYS A 1 5 ? 2.850  1.088  1.298  1.00 0.00 ? 5 LYS A HG3 3  
ATOM   198  H HD2 . LYS A 1 5 ? 5.367  1.543  1.429  1.00 0.00 ? 5 LYS A HD2 3  
ATOM   199  H HD3 . LYS A 1 5 ? 5.228  1.227  3.158  1.00 0.00 ? 5 LYS A HD3 3  
ATOM   200  H HE2 . LYS A 1 5 ? 5.792  -0.878 2.250  1.00 0.00 ? 5 LYS A HE2 3  
ATOM   201  H HE3 . LYS A 1 5 ? 4.041  -0.964 2.455  1.00 0.00 ? 5 LYS A HE3 3  
ATOM   202  H HZ1 . LYS A 1 5 ? 4.259  -1.665 0.309  1.00 0.00 ? 5 LYS A HZ1 3  
ATOM   203  H HZ2 . LYS A 1 5 ? 5.617  -0.692 -0.003 1.00 0.00 ? 5 LYS A HZ2 3  
ATOM   204  H HZ3 . LYS A 1 5 ? 4.066  0.000  0.048  1.00 0.00 ? 5 LYS A HZ3 3  
HETATM 205  N N   . DBB A 1 1 ? 0.090  -2.842 1.859  1.00 0.00 ? 1 DBB A N   4  
HETATM 206  C CA  . DBB A 1 1 ? -0.843 -2.352 0.824  1.00 0.00 ? 1 DBB A CA  4  
HETATM 207  C C   . DBB A 1 1 ? -1.069 -3.432 -0.230 1.00 0.00 ? 1 DBB A C   4  
HETATM 208  O O   . DBB A 1 1 ? -2.057 -4.163 -0.164 1.00 0.00 ? 1 DBB A O   4  
HETATM 209  C CB  . DBB A 1 1 ? -2.182 -1.979 1.462  1.00 0.00 ? 1 DBB A CB  4  
HETATM 210  C CG  . DBB A 1 1 ? -3.079 -1.345 0.392  1.00 0.00 ? 1 DBB A CG  4  
HETATM 211  H H2  . DBB A 1 1 ? -0.037 -2.283 2.727  1.00 0.00 ? 1 DBB A H2  4  
HETATM 212  H H   . DBB A 1 1 ? -0.103 -3.843 2.053  1.00 0.00 ? 1 DBB A H   4  
HETATM 213  H HA  . DBB A 1 1 ? -0.428 -1.503 0.358  1.00 0.00 ? 1 DBB A HA  4  
HETATM 214  H HB2 . DBB A 1 1 ? -2.650 -2.887 1.826  1.00 0.00 ? 1 DBB A HB2 4  
HETATM 215  H HG1 . DBB A 1 1 ? -2.641 -1.502 -0.584 1.00 0.00 ? 1 DBB A HG1 4  
HETATM 216  H HG2 . DBB A 1 1 ? -3.173 -0.287 0.578  1.00 0.00 ? 1 DBB A HG2 4  
HETATM 217  H HG3 . DBB A 1 1 ? -4.054 -1.806 0.424  1.00 0.00 ? 1 DBB A HG3 4  
HETATM 218  H HT3 . DBB A 1 1 ? 1.066  -2.737 1.518  1.00 0.00 ? 1 DBB A HT3 4  
ATOM   219  N N   . PRO A 1 2 ? -0.197 -3.547 -1.210 1.00 0.00 ? 2 PRO A N   4  
ATOM   220  C CA  . PRO A 1 2 ? 1.033  -2.697 -1.363 1.00 0.00 ? 2 PRO A CA  4  
ATOM   221  C C   . PRO A 1 2 ? 0.699  -1.228 -1.612 1.00 0.00 ? 2 PRO A C   4  
ATOM   222  O O   . PRO A 1 2 ? 1.479  -0.336 -1.281 1.00 0.00 ? 2 PRO A O   4  
ATOM   223  C CB  . PRO A 1 2 ? 1.758  -3.295 -2.579 1.00 0.00 ? 2 PRO A CB  4  
ATOM   224  C CG  . PRO A 1 2 ? 1.111  -4.617 -2.836 1.00 0.00 ? 2 PRO A CG  4  
ATOM   225  C CD  . PRO A 1 2 ? -0.310 -4.518 -2.297 1.00 0.00 ? 2 PRO A CD  4  
ATOM   226  H HA  . PRO A 1 2 ? 1.661  -2.791 -0.491 1.00 0.00 ? 2 PRO A HA  4  
ATOM   227  H HB2 . PRO A 1 2 ? 1.639  -2.647 -3.437 1.00 0.00 ? 2 PRO A HB2 4  
ATOM   228  H HB3 . PRO A 1 2 ? 2.805  -3.434 -2.357 1.00 0.00 ? 2 PRO A HB3 4  
ATOM   229  H HG2 . PRO A 1 2 ? 1.096  -4.820 -3.898 1.00 0.00 ? 2 PRO A HG2 4  
ATOM   230  H HG3 . PRO A 1 2 ? 1.643  -5.398 -2.317 1.00 0.00 ? 2 PRO A HG3 4  
ATOM   231  H HD2 . PRO A 1 2 ? -0.984 -4.156 -3.061 1.00 0.00 ? 2 PRO A HD2 4  
ATOM   232  H HD3 . PRO A 1 2 ? -0.643 -5.468 -1.912 1.00 0.00 ? 2 PRO A HD3 4  
ATOM   233  N N   . GLY A 1 3 ? -0.479 -0.994 -2.166 1.00 0.00 ? 3 GLY A N   4  
ATOM   234  C CA  . GLY A 1 3 ? -0.940 0.356  -2.427 1.00 0.00 ? 3 GLY A CA  4  
ATOM   235  C C   . GLY A 1 3 ? -0.820 1.195  -1.169 1.00 0.00 ? 3 GLY A C   4  
ATOM   236  O O   . GLY A 1 3 ? -0.411 2.355  -1.214 1.00 0.00 ? 3 GLY A O   4  
ATOM   237  H H   . GLY A 1 3 ? -1.059 -1.742 -2.386 1.00 0.00 ? 3 GLY A H   4  
ATOM   238  H HA2 . GLY A 1 3 ? -0.355 0.797  -3.220 1.00 0.00 ? 3 GLY A HA2 4  
ATOM   239  H HA3 . GLY A 1 3 ? -1.972 0.310  -2.716 1.00 0.00 ? 3 GLY A HA3 4  
ATOM   240  N N   . CYS A 1 4 ? -1.195 0.584  -0.049 1.00 0.00 ? 4 CYS A N   4  
ATOM   241  C CA  . CYS A 1 4 ? -1.151 1.247  1.243  1.00 0.00 ? 4 CYS A CA  4  
ATOM   242  C C   . CYS A 1 4 ? -0.238 2.479  1.198  1.00 0.00 ? 4 CYS A C   4  
ATOM   243  O O   . CYS A 1 4 ? -0.635 3.515  0.665  1.00 0.00 ? 4 CYS A O   4  
ATOM   244  C CB  . CYS A 1 4 ? -0.645 0.264  2.311  1.00 0.00 ? 4 CYS A CB  4  
ATOM   245  S SG  . CYS A 1 4 ? -1.998 -0.825 2.870  1.00 0.00 ? 4 CYS A SG  4  
ATOM   246  H H   . CYS A 1 4 ? -1.532 -0.334 -0.101 1.00 0.00 ? 4 CYS A H   4  
ATOM   247  H HA  . CYS A 1 4 ? -2.145 1.559  1.503  1.00 0.00 ? 4 CYS A HA  4  
ATOM   248  H HB2 . CYS A 1 4 ? 0.161  -0.325 1.916  1.00 0.00 ? 4 CYS A HB2 4  
ATOM   249  H HB3 . CYS A 1 4 ? -0.281 0.830  3.156  1.00 0.00 ? 4 CYS A HB3 4  
ATOM   250  N N   . LYS A 1 5 ? 0.974  2.360  1.753  1.00 0.00 ? 5 LYS A N   4  
ATOM   251  C CA  . LYS A 1 5 ? 1.934  3.466  1.770  1.00 0.00 ? 5 LYS A CA  4  
ATOM   252  C C   . LYS A 1 5 ? 1.358  4.725  1.132  1.00 0.00 ? 5 LYS A C   4  
ATOM   253  O O   . LYS A 1 5 ? 1.878  5.140  0.110  1.00 0.00 ? 5 LYS A O   4  
ATOM   254  C CB  . LYS A 1 5 ? 3.206  3.058  1.026  1.00 0.00 ? 5 LYS A CB  4  
ATOM   255  C CG  . LYS A 1 5 ? 3.781  1.787  1.655  1.00 0.00 ? 5 LYS A CG  4  
ATOM   256  C CD  . LYS A 1 5 ? 3.142  0.555  1.008  1.00 0.00 ? 5 LYS A CD  4  
ATOM   257  C CE  . LYS A 1 5 ? 4.150  -0.107 0.067  1.00 0.00 ? 5 LYS A CE  4  
ATOM   258  N NZ  . LYS A 1 5 ? 5.436  -0.320 0.789  1.00 0.00 1 5 LYS A NZ  4  
ATOM   259  O OXT . LYS A 1 5 ? 0.401  5.257  1.674  1.00 0.00 ? 5 LYS A OXT 4  
ATOM   260  H H   . LYS A 1 5 ? 1.230  1.513  2.159  1.00 0.00 ? 5 LYS A H   4  
ATOM   261  H HA  . LYS A 1 5 ? 2.191  3.684  2.795  1.00 0.00 ? 5 LYS A HA  4  
ATOM   262  H HB2 . LYS A 1 5 ? 2.972  2.875  -0.012 1.00 0.00 ? 5 LYS A HB2 4  
ATOM   263  H HB3 . LYS A 1 5 ? 3.933  3.853  1.096  1.00 0.00 ? 5 LYS A HB3 4  
ATOM   264  H HG2 . LYS A 1 5 ? 4.850  1.762  1.499  1.00 0.00 ? 5 LYS A HG2 4  
ATOM   265  H HG3 . LYS A 1 5 ? 3.572  1.783  2.715  1.00 0.00 ? 5 LYS A HG3 4  
ATOM   266  H HD2 . LYS A 1 5 ? 2.854  -0.146 1.778  1.00 0.00 ? 5 LYS A HD2 4  
ATOM   267  H HD3 . LYS A 1 5 ? 2.270  0.854  0.447  1.00 0.00 ? 5 LYS A HD3 4  
ATOM   268  H HE2 . LYS A 1 5 ? 3.762  -1.058 -0.265 1.00 0.00 ? 5 LYS A HE2 4  
ATOM   269  H HE3 . LYS A 1 5 ? 4.318  0.532  -0.788 1.00 0.00 ? 5 LYS A HE3 4  
ATOM   270  H HZ1 . LYS A 1 5 ? 6.077  0.476  0.601  1.00 0.00 ? 5 LYS A HZ1 4  
ATOM   271  H HZ2 . LYS A 1 5 ? 5.875  -1.205 0.460  1.00 0.00 ? 5 LYS A HZ2 4  
ATOM   272  H HZ3 . LYS A 1 5 ? 5.255  -0.382 1.810  1.00 0.00 ? 5 LYS A HZ3 4  
HETATM 273  N N   . DBB A 1 1 ? 0.020  -2.962 1.779  1.00 0.00 ? 1 DBB A N   5  
HETATM 274  C CA  . DBB A 1 1 ? -0.883 -2.379 0.763  1.00 0.00 ? 1 DBB A CA  5  
HETATM 275  C C   . DBB A 1 1 ? -1.144 -3.399 -0.343 1.00 0.00 ? 1 DBB A C   5  
HETATM 276  O O   . DBB A 1 1 ? -2.172 -4.079 -0.333 1.00 0.00 ? 1 DBB A O   5  
HETATM 277  C CB  . DBB A 1 1 ? -2.212 -1.980 1.410  1.00 0.00 ? 1 DBB A CB  5  
HETATM 278  C CG  . DBB A 1 1 ? -3.086 -1.280 0.362  1.00 0.00 ? 1 DBB A CG  5  
HETATM 279  H H2  . DBB A 1 1 ? 0.849  -2.342 1.893  1.00 0.00 ? 1 DBB A H2  5  
HETATM 280  H H   . DBB A 1 1 ? -0.485 -3.041 2.680  1.00 0.00 ? 1 DBB A H   5  
HETATM 281  H HA  . DBB A 1 1 ? -0.423 -1.528 0.337  1.00 0.00 ? 1 DBB A HA  5  
HETATM 282  H HB2 . DBB A 1 1 ? -2.710 -2.883 1.741  1.00 0.00 ? 1 DBB A HB2 5  
HETATM 283  H HG1 . DBB A 1 1 ? -2.645 -1.404 -0.618 1.00 0.00 ? 1 DBB A HG1 5  
HETATM 284  H HG2 . DBB A 1 1 ? -3.161 -0.230 0.595  1.00 0.00 ? 1 DBB A HG2 5  
HETATM 285  H HG3 . DBB A 1 1 ? -4.072 -1.722 0.367  1.00 0.00 ? 1 DBB A HG3 5  
HETATM 286  H HT3 . DBB A 1 1 ? 0.327  -3.902 1.466  1.00 0.00 ? 1 DBB A HT3 5  
ATOM   287  N N   . PRO A 1 2 ? -0.256 -3.513 -1.302 1.00 0.00 ? 2 PRO A N   5  
ATOM   288  C CA  . PRO A 1 2 ? 1.013  -2.717 -1.374 1.00 0.00 ? 2 PRO A CA  5  
ATOM   289  C C   . PRO A 1 2 ? 0.746  -1.245 -1.672 1.00 0.00 ? 2 PRO A C   5  
ATOM   290  O O   . PRO A 1 2 ? 1.613  -0.392 -1.486 1.00 0.00 ? 2 PRO A O   5  
ATOM   291  C CB  . PRO A 1 2 ? 1.811  -3.368 -2.513 1.00 0.00 ? 2 PRO A CB  5  
ATOM   292  C CG  . PRO A 1 2 ? 1.067  -4.610 -2.896 1.00 0.00 ? 2 PRO A CG  5  
ATOM   293  C CD  . PRO A 1 2 ? -0.377 -4.419 -2.440 1.00 0.00 ? 2 PRO A CD  5  
ATOM   294  H HA  . PRO A 1 2 ? 1.561  -2.813 -0.451 1.00 0.00 ? 2 PRO A HA  5  
ATOM   295  H HB2 . PRO A 1 2 ? 1.871  -2.693 -3.356 1.00 0.00 ? 2 PRO A HB2 5  
ATOM   296  H HB3 . PRO A 1 2 ? 2.803  -3.626 -2.172 1.00 0.00 ? 2 PRO A HB3 5  
ATOM   297  H HG2 . PRO A 1 2 ? 1.105  -4.747 -3.968 1.00 0.00 ? 2 PRO A HG2 5  
ATOM   298  H HG3 . PRO A 1 2 ? 1.495  -5.466 -2.398 1.00 0.00 ? 2 PRO A HG3 5  
ATOM   299  H HD2 . PRO A 1 2 ? -0.969 -3.965 -3.224 1.00 0.00 ? 2 PRO A HD2 5  
ATOM   300  H HD3 . PRO A 1 2 ? -0.809 -5.354 -2.125 1.00 0.00 ? 2 PRO A HD3 5  
ATOM   301  N N   . GLY A 1 3 ? -0.473 -0.960 -2.106 1.00 0.00 ? 3 GLY A N   5  
ATOM   302  C CA  . GLY A 1 3 ? -0.878 0.400  -2.395 1.00 0.00 ? 3 GLY A CA  5  
ATOM   303  C C   . GLY A 1 3 ? -0.792 1.228  -1.127 1.00 0.00 ? 3 GLY A C   5  
ATOM   304  O O   . GLY A 1 3 ? -0.401 2.395  -1.149 1.00 0.00 ? 3 GLY A O   5  
ATOM   305  H H   . GLY A 1 3 ? -1.120 -1.678 -2.210 1.00 0.00 ? 3 GLY A H   5  
ATOM   306  H HA2 . GLY A 1 3 ? -0.240 0.822  -3.156 1.00 0.00 ? 3 GLY A HA2 5  
ATOM   307  H HA3 . GLY A 1 3 ? -1.896 0.388  -2.731 1.00 0.00 ? 3 GLY A HA3 5  
ATOM   308  N N   . CYS A 1 4 ? -1.172 0.591  -0.028 1.00 0.00 ? 4 CYS A N   5  
ATOM   309  C CA  . CYS A 1 4 ? -1.161 1.225  1.278  1.00 0.00 ? 4 CYS A CA  5  
ATOM   310  C C   . CYS A 1 4 ? -0.270 2.474  1.276  1.00 0.00 ? 4 CYS A C   5  
ATOM   311  O O   . CYS A 1 4 ? -0.725 3.557  0.909  1.00 0.00 ? 4 CYS A O   5  
ATOM   312  C CB  . CYS A 1 4 ? -0.649 0.224  2.323  1.00 0.00 ? 4 CYS A CB  5  
ATOM   313  S SG  . CYS A 1 4 ? -1.992 -0.886 2.860  1.00 0.00 ? 4 CYS A SG  5  
ATOM   314  H H   . CYS A 1 4 ? -1.492 -0.330 -0.103 1.00 0.00 ? 4 CYS A H   5  
ATOM   315  H HA  . CYS A 1 4 ? -2.164 1.509  1.533  1.00 0.00 ? 4 CYS A HA  5  
ATOM   316  H HB2 . CYS A 1 4 ? 0.161  -0.353 1.913  1.00 0.00 ? 4 CYS A HB2 5  
ATOM   317  H HB3 . CYS A 1 4 ? -0.284 0.773  3.179  1.00 0.00 ? 4 CYS A HB3 5  
ATOM   318  N N   . LYS A 1 5 ? 0.989  2.329  1.683  1.00 0.00 ? 5 LYS A N   5  
ATOM   319  C CA  . LYS A 1 5 ? 1.903  3.465  1.714  1.00 0.00 ? 5 LYS A CA  5  
ATOM   320  C C   . LYS A 1 5 ? 2.225  3.934  0.299  1.00 0.00 ? 5 LYS A C   5  
ATOM   321  O O   . LYS A 1 5 ? 1.764  3.298  -0.635 1.00 0.00 ? 5 LYS A O   5  
ATOM   322  C CB  . LYS A 1 5 ? 3.197  3.074  2.430  1.00 0.00 ? 5 LYS A CB  5  
ATOM   323  C CG  . LYS A 1 5 ? 2.864  2.234  3.664  1.00 0.00 ? 5 LYS A CG  5  
ATOM   324  C CD  . LYS A 1 5 ? 3.284  0.783  3.425  1.00 0.00 ? 5 LYS A CD  5  
ATOM   325  C CE  . LYS A 1 5 ? 3.010  -0.042 4.683  1.00 0.00 ? 5 LYS A CE  5  
ATOM   326  N NZ  . LYS A 1 5 ? 3.212  0.812  5.889  1.00 0.00 1 5 LYS A NZ  5  
ATOM   327  O OXT . LYS A 1 5 ? 2.928  4.923  0.170  1.00 0.00 ? 5 LYS A OXT 5  
ATOM   328  H H   . LYS A 1 5 ? 1.310  1.454  1.967  1.00 0.00 ? 5 LYS A H   5  
ATOM   329  H HA  . LYS A 1 5 ? 1.436  4.274  2.255  1.00 0.00 ? 5 LYS A HA  5  
ATOM   330  H HB2 . LYS A 1 5 ? 3.820  2.500  1.759  1.00 0.00 ? 5 LYS A HB2 5  
ATOM   331  H HB3 . LYS A 1 5 ? 3.723  3.967  2.735  1.00 0.00 ? 5 LYS A HB3 5  
ATOM   332  H HG2 . LYS A 1 5 ? 3.396  2.627  4.520  1.00 0.00 ? 5 LYS A HG2 5  
ATOM   333  H HG3 . LYS A 1 5 ? 1.802  2.273  3.852  1.00 0.00 ? 5 LYS A HG3 5  
ATOM   334  H HD2 . LYS A 1 5 ? 2.719  0.378  2.598  1.00 0.00 ? 5 LYS A HD2 5  
ATOM   335  H HD3 . LYS A 1 5 ? 4.338  0.745  3.193  1.00 0.00 ? 5 LYS A HD3 5  
ATOM   336  H HE2 . LYS A 1 5 ? 1.992  -0.402 4.663  1.00 0.00 ? 5 LYS A HE2 5  
ATOM   337  H HE3 . LYS A 1 5 ? 3.689  -0.881 4.718  1.00 0.00 ? 5 LYS A HE3 5  
ATOM   338  H HZ1 . LYS A 1 5 ? 2.381  1.422  6.025  1.00 0.00 ? 5 LYS A HZ1 5  
ATOM   339  H HZ2 . LYS A 1 5 ? 4.058  1.404  5.756  1.00 0.00 ? 5 LYS A HZ2 5  
ATOM   340  H HZ3 . LYS A 1 5 ? 3.337  0.208  6.725  1.00 0.00 ? 5 LYS A HZ3 5  
HETATM 341  N N   . DBB A 1 1 ? 0.048  -2.961 1.796  1.00 0.00 ? 1 DBB A N   6  
HETATM 342  C CA  . DBB A 1 1 ? -0.861 -2.384 0.786  1.00 0.00 ? 1 DBB A CA  6  
HETATM 343  C C   . DBB A 1 1 ? -1.123 -3.402 -0.318 1.00 0.00 ? 1 DBB A C   6  
HETATM 344  O O   . DBB A 1 1 ? -2.146 -4.088 -0.303 1.00 0.00 ? 1 DBB A O   6  
HETATM 345  C CB  . DBB A 1 1 ? -2.191 -1.993 1.434  1.00 0.00 ? 1 DBB A CB  6  
HETATM 346  C CG  . DBB A 1 1 ? -3.073 -1.321 0.376  1.00 0.00 ? 1 DBB A CG  6  
HETATM 347  H H2  . DBB A 1 1 ? 0.931  -2.408 1.814  1.00 0.00 ? 1 DBB A H2  6  
HETATM 348  H H   . DBB A 1 1 ? -0.404 -2.926 2.728  1.00 0.00 ? 1 DBB A H   6  
HETATM 349  H HA  . DBB A 1 1 ? -0.410 -1.530 0.361  1.00 0.00 ? 1 DBB A HA  6  
HETATM 350  H HB2 . DBB A 1 1 ? -2.677 -2.898 1.779  1.00 0.00 ? 1 DBB A HB2 6  
HETATM 351  H HG1 . DBB A 1 1 ? -4.055 -1.770 0.391  1.00 0.00 ? 1 DBB A HG1 6  
HETATM 352  H HG2 . DBB A 1 1 ? -2.633 -1.460 -0.603 1.00 0.00 ? 1 DBB A HG2 6  
HETATM 353  H HG3 . DBB A 1 1 ? -3.154 -0.268 0.589  1.00 0.00 ? 1 DBB A HG3 6  
HETATM 354  H HT3 . DBB A 1 1 ? 0.258  -3.947 1.547  1.00 0.00 ? 1 DBB A HT3 6  
ATOM   355  N N   . PRO A 1 2 ? -0.245 -3.502 -1.286 1.00 0.00 ? 2 PRO A N   6  
ATOM   356  C CA  . PRO A 1 2 ? 1.016  -2.697 -1.360 1.00 0.00 ? 2 PRO A CA  6  
ATOM   357  C C   . PRO A 1 2 ? 0.734  -1.227 -1.644 1.00 0.00 ? 2 PRO A C   6  
ATOM   358  O O   . PRO A 1 2 ? 1.569  -0.359 -1.397 1.00 0.00 ? 2 PRO A O   6  
ATOM   359  C CB  . PRO A 1 2 ? 1.800  -3.338 -2.504 1.00 0.00 ? 2 PRO A CB  6  
ATOM   360  C CG  . PRO A 1 2 ? 0.786  -4.038 -3.349 1.00 0.00 ? 2 PRO A CG  6  
ATOM   361  C CD  . PRO A 1 2 ? -0.389 -4.399 -2.436 1.00 0.00 ? 2 PRO A CD  6  
ATOM   362  H HA  . PRO A 1 2 ? 1.573  -2.796 -0.443 1.00 0.00 ? 2 PRO A HA  6  
ATOM   363  H HB2 . PRO A 1 2 ? 2.308  -2.577 -3.080 1.00 0.00 ? 2 PRO A HB2 6  
ATOM   364  H HB3 . PRO A 1 2 ? 2.510  -4.051 -2.116 1.00 0.00 ? 2 PRO A HB3 6  
ATOM   365  H HG2 . PRO A 1 2 ? 0.452  -3.381 -4.141 1.00 0.00 ? 2 PRO A HG2 6  
ATOM   366  H HG3 . PRO A 1 2 ? 1.209  -4.937 -3.766 1.00 0.00 ? 2 PRO A HG3 6  
ATOM   367  H HD2 . PRO A 1 2 ? -1.329 -4.215 -2.938 1.00 0.00 ? 2 PRO A HD2 6  
ATOM   368  H HD3 . PRO A 1 2 ? -0.322 -5.424 -2.115 1.00 0.00 ? 2 PRO A HD3 6  
ATOM   369  N N   . GLY A 1 3 ? -0.470 -0.965 -2.129 1.00 0.00 ? 3 GLY A N   6  
ATOM   370  C CA  . GLY A 1 3 ? -0.895 0.390  -2.408 1.00 0.00 ? 3 GLY A CA  6  
ATOM   371  C C   . GLY A 1 3 ? -0.802 1.217  -1.143 1.00 0.00 ? 3 GLY A C   6  
ATOM   372  O O   . GLY A 1 3 ? -0.411 2.383  -1.167 1.00 0.00 ? 3 GLY A O   6  
ATOM   373  H H   . GLY A 1 3 ? -1.093 -1.696 -2.276 1.00 0.00 ? 3 GLY A H   6  
ATOM   374  H HA2 . GLY A 1 3 ? -0.274 0.821  -3.180 1.00 0.00 ? 3 GLY A HA2 6  
ATOM   375  H HA3 . GLY A 1 3 ? -1.918 0.366  -2.730 1.00 0.00 ? 3 GLY A HA3 6  
ATOM   376  N N   . CYS A 1 4 ? -1.174 0.582  -0.037 1.00 0.00 ? 4 CYS A N   6  
ATOM   377  C CA  . CYS A 1 4 ? -1.153 1.222  1.267  1.00 0.00 ? 4 CYS A CA  6  
ATOM   378  C C   . CYS A 1 4 ? -0.255 2.465  1.249  1.00 0.00 ? 4 CYS A C   6  
ATOM   379  O O   . CYS A 1 4 ? -0.685 3.535  0.820  1.00 0.00 ? 4 CYS A O   6  
ATOM   380  C CB  . CYS A 1 4 ? -0.640 0.230  2.319  1.00 0.00 ? 4 CYS A CB  6  
ATOM   381  S SG  . CYS A 1 4 ? -1.982 -0.876 2.867  1.00 0.00 ? 4 CYS A SG  6  
ATOM   382  H H   . CYS A 1 4 ? -1.494 -0.341 -0.106 1.00 0.00 ? 4 CYS A H   6  
ATOM   383  H HA  . CYS A 1 4 ? -2.153 1.516  1.524  1.00 0.00 ? 4 CYS A HA  6  
ATOM   384  H HB2 . CYS A 1 4 ? 0.171  -0.350 1.915  1.00 0.00 ? 4 CYS A HB2 6  
ATOM   385  H HB3 . CYS A 1 4 ? -0.276 0.786  3.172  1.00 0.00 ? 4 CYS A HB3 6  
ATOM   386  N N   . LYS A 1 5 ? 0.988  2.327  1.709  1.00 0.00 ? 5 LYS A N   6  
ATOM   387  C CA  . LYS A 1 5 ? 1.909  3.457  1.725  1.00 0.00 ? 5 LYS A CA  6  
ATOM   388  C C   . LYS A 1 5 ? 1.233  4.693  2.311  1.00 0.00 ? 5 LYS A C   6  
ATOM   389  O O   . LYS A 1 5 ? 1.897  5.709  2.428  1.00 0.00 ? 5 LYS A O   6  
ATOM   390  C CB  . LYS A 1 5 ? 2.387  3.760  0.303  1.00 0.00 ? 5 LYS A CB  6  
ATOM   391  C CG  . LYS A 1 5 ? 2.841  2.463  -0.372 1.00 0.00 ? 5 LYS A CG  6  
ATOM   392  C CD  . LYS A 1 5 ? 4.269  2.130  0.064  1.00 0.00 ? 5 LYS A CD  6  
ATOM   393  C CE  . LYS A 1 5 ? 4.457  0.612  0.081  1.00 0.00 ? 5 LYS A CE  6  
ATOM   394  N NZ  . LYS A 1 5 ? 5.841  0.276  -0.357 1.00 0.00 1 5 LYS A NZ  6  
ATOM   395  O OXT . LYS A 1 5 ? 0.060  4.604  2.636  1.00 0.00 ? 5 LYS A OXT 6  
ATOM   396  H H   . LYS A 1 5 ? 1.292  1.462  2.039  1.00 0.00 ? 5 LYS A H   6  
ATOM   397  H HA  . LYS A 1 5 ? 2.765  3.203  2.334  1.00 0.00 ? 5 LYS A HA  6  
ATOM   398  H HB2 . LYS A 1 5 ? 1.575  4.196  -0.262 1.00 0.00 ? 5 LYS A HB2 6  
ATOM   399  H HB3 . LYS A 1 5 ? 3.214  4.452  0.340  1.00 0.00 ? 5 LYS A HB3 6  
ATOM   400  H HG2 . LYS A 1 5 ? 2.180  1.658  -0.085 1.00 0.00 ? 5 LYS A HG2 6  
ATOM   401  H HG3 . LYS A 1 5 ? 2.814  2.587  -1.444 1.00 0.00 ? 5 LYS A HG3 6  
ATOM   402  H HD2 . LYS A 1 5 ? 4.969  2.572  -0.631 1.00 0.00 ? 5 LYS A HD2 6  
ATOM   403  H HD3 . LYS A 1 5 ? 4.445  2.524  1.053  1.00 0.00 ? 5 LYS A HD3 6  
ATOM   404  H HE2 . LYS A 1 5 ? 4.296  0.240  1.083  1.00 0.00 ? 5 LYS A HE2 6  
ATOM   405  H HE3 . LYS A 1 5 ? 3.745  0.154  -0.591 1.00 0.00 ? 5 LYS A HE3 6  
ATOM   406  H HZ1 . LYS A 1 5 ? 6.279  1.110  -0.795 1.00 0.00 ? 5 LYS A HZ1 6  
ATOM   407  H HZ2 . LYS A 1 5 ? 5.807  -0.501 -1.047 1.00 0.00 ? 5 LYS A HZ2 6  
ATOM   408  H HZ3 . LYS A 1 5 ? 6.404  -0.016 0.466  1.00 0.00 ? 5 LYS A HZ3 6  
HETATM 409  N N   . DBB A 1 1 ? -0.229 -3.095 1.644  1.00 0.00 ? 1 DBB A N   7  
HETATM 410  C CA  . DBB A 1 1 ? -1.024 -2.395 0.609  1.00 0.00 ? 1 DBB A CA  7  
HETATM 411  C C   . DBB A 1 1 ? -1.250 -3.324 -0.579 1.00 0.00 ? 1 DBB A C   7  
HETATM 412  O O   . DBB A 1 1 ? -2.312 -3.936 -0.697 1.00 0.00 ? 1 DBB A O   7  
HETATM 413  C CB  . DBB A 1 1 ? -2.393 -1.995 1.174  1.00 0.00 ? 1 DBB A CB  7  
HETATM 414  C CG  . DBB A 1 1 ? -3.149 -1.193 0.107  1.00 0.00 ? 1 DBB A CG  7  
HETATM 415  H H2  . DBB A 1 1 ? 0.651  -2.566 1.813  1.00 0.00 ? 1 DBB A H2  7  
HETATM 416  H H   . DBB A 1 1 ? -0.777 -3.152 2.522  1.00 0.00 ? 1 DBB A H   7  
HETATM 417  H HA  . DBB A 1 1 ? -0.493 -1.529 0.283  1.00 0.00 ? 1 DBB A HA  7  
HETATM 418  H HB2 . DBB A 1 1 ? -2.943 -2.903 1.386  1.00 0.00 ? 1 DBB A HB2 7  
HETATM 419  H HG1 . DBB A 1 1 ? -2.610 -1.240 -0.831 1.00 0.00 ? 1 DBB A HG1 7  
HETATM 420  H HG2 . DBB A 1 1 ? -3.242 -0.168 0.421  1.00 0.00 ? 1 DBB A HG2 7  
HETATM 421  H HG3 . DBB A 1 1 ? -4.133 -1.618 -0.028 1.00 0.00 ? 1 DBB A HG3 7  
HETATM 422  H HT3 . DBB A 1 1 ? -0.001 -4.052 1.312  1.00 0.00 ? 1 DBB A HT3 7  
ATOM   423  N N   . PRO A 1 2 ? -0.299 -3.428 -1.470 1.00 0.00 ? 2 PRO A N   7  
ATOM   424  C CA  . PRO A 1 2 ? 1.002  -2.709 -1.373 1.00 0.00 ? 2 PRO A CA  7  
ATOM   425  C C   . PRO A 1 2 ? 0.854  -1.226 -1.687 1.00 0.00 ? 2 PRO A C   7  
ATOM   426  O O   . PRO A 1 2 ? 1.821  -0.467 -1.643 1.00 0.00 ? 2 PRO A O   7  
ATOM   427  C CB  . PRO A 1 2 ? 1.885  -3.406 -2.410 1.00 0.00 ? 2 PRO A CB  7  
ATOM   428  C CG  . PRO A 1 2 ? 0.946  -4.011 -3.403 1.00 0.00 ? 2 PRO A CG  7  
ATOM   429  C CD  . PRO A 1 2 ? -0.387 -4.242 -2.685 1.00 0.00 ? 2 PRO A CD  7  
ATOM   430  H HA  . PRO A 1 2 ? 1.427  -2.840 -0.392 1.00 0.00 ? 2 PRO A HA  7  
ATOM   431  H HB2 . PRO A 1 2 ? 2.530  -2.686 -2.893 1.00 0.00 ? 2 PRO A HB2 7  
ATOM   432  H HB3 . PRO A 1 2 ? 2.473  -4.180 -1.941 1.00 0.00 ? 2 PRO A HB3 7  
ATOM   433  H HG2 . PRO A 1 2 ? 0.807  -3.335 -4.236 1.00 0.00 ? 2 PRO A HG2 7  
ATOM   434  H HG3 . PRO A 1 2 ? 1.335  -4.953 -3.752 1.00 0.00 ? 2 PRO A HG3 7  
ATOM   435  H HD2 . PRO A 1 2 ? -1.211 -3.904 -3.302 1.00 0.00 ? 2 PRO A HD2 7  
ATOM   436  H HD3 . PRO A 1 2 ? -0.507 -5.280 -2.426 1.00 0.00 ? 2 PRO A HD3 7  
ATOM   437  N N   . GLY A 1 3 ? -0.377 -0.822 -1.971 1.00 0.00 ? 3 GLY A N   7  
ATOM   438  C CA  . GLY A 1 3 ? -0.671 0.569  -2.253 1.00 0.00 ? 3 GLY A CA  7  
ATOM   439  C C   . GLY A 1 3 ? -0.697 1.326  -0.948 1.00 0.00 ? 3 GLY A C   7  
ATOM   440  O O   . GLY A 1 3 ? -0.303 2.490  -0.863 1.00 0.00 ? 3 GLY A O   7  
ATOM   441  H H   . GLY A 1 3 ? -1.110 -1.469 -1.960 1.00 0.00 ? 3 GLY A H   7  
ATOM   442  H HA2 . GLY A 1 3 ? 0.082  0.980  -2.910 1.00 0.00 ? 3 GLY A HA2 7  
ATOM   443  H HA3 . GLY A 1 3 ? -1.638 0.630  -2.714 1.00 0.00 ? 3 GLY A HA3 7  
ATOM   444  N N   . CYS A 1 4 ? -1.173 0.626  0.065  1.00 0.00 ? 4 CYS A N   7  
ATOM   445  C CA  . CYS A 1 4 ? -1.282 1.164  1.397  1.00 0.00 ? 4 CYS A CA  7  
ATOM   446  C C   . CYS A 1 4 ? -0.395 2.393  1.584  1.00 0.00 ? 4 CYS A C   7  
ATOM   447  O O   . CYS A 1 4 ? -0.878 3.457  1.970  1.00 0.00 ? 4 CYS A O   7  
ATOM   448  C CB  . CYS A 1 4 ? -0.883 0.081  2.406  1.00 0.00 ? 4 CYS A CB  7  
ATOM   449  S SG  . CYS A 1 4 ? -2.285 -1.033 2.727  1.00 0.00 ? 4 CYS A SG  7  
ATOM   450  H H   . CYS A 1 4 ? -1.482 -0.284 -0.098 1.00 0.00 ? 4 CYS A H   7  
ATOM   451  H HA  . CYS A 1 4 ? -2.294 1.436  1.565  1.00 0.00 ? 4 CYS A HA  7  
ATOM   452  H HB2 . CYS A 1 4 ? -0.048 -0.481 2.028  1.00 0.00 ? 4 CYS A HB2 7  
ATOM   453  H HB3 . CYS A 1 4 ? -0.594 0.558  3.332  1.00 0.00 ? 4 CYS A HB3 7  
ATOM   454  N N   . LYS A 1 5 ? 0.891  2.243  1.312  1.00 0.00 ? 5 LYS A N   7  
ATOM   455  C CA  . LYS A 1 5 ? 1.829  3.349  1.454  1.00 0.00 ? 5 LYS A CA  7  
ATOM   456  C C   . LYS A 1 5 ? 1.341  4.573  0.683  1.00 0.00 ? 5 LYS A C   7  
ATOM   457  O O   . LYS A 1 5 ? 0.280  5.074  1.014  1.00 0.00 ? 5 LYS A O   7  
ATOM   458  C CB  . LYS A 1 5 ? 3.201  2.931  0.927  1.00 0.00 ? 5 LYS A CB  7  
ATOM   459  C CG  . LYS A 1 5 ? 3.938  2.130  2.003  1.00 0.00 ? 5 LYS A CG  7  
ATOM   460  C CD  . LYS A 1 5 ? 4.651  0.941  1.357  1.00 0.00 ? 5 LYS A CD  7  
ATOM   461  C CE  . LYS A 1 5 ? 3.704  -0.259 1.317  1.00 0.00 ? 5 LYS A CE  7  
ATOM   462  N NZ  . LYS A 1 5 ? 3.818  -1.027 2.591  1.00 0.00 1 5 LYS A NZ  7  
ATOM   463  O OXT . LYS A 1 5 ? 2.038  4.992  -0.226 1.00 0.00 ? 5 LYS A OXT 7  
ATOM   464  H H   . LYS A 1 5 ? 1.220  1.376  1.012  1.00 0.00 ? 5 LYS A H   7  
ATOM   465  H HA  . LYS A 1 5 ? 1.919  3.603  2.499  1.00 0.00 ? 5 LYS A HA  7  
ATOM   466  H HB2 . LYS A 1 5 ? 3.075  2.321  0.044  1.00 0.00 ? 5 LYS A HB2 7  
ATOM   467  H HB3 . LYS A 1 5 ? 3.770  3.811  0.681  1.00 0.00 ? 5 LYS A HB3 7  
ATOM   468  H HG2 . LYS A 1 5 ? 4.663  2.766  2.489  1.00 0.00 ? 5 LYS A HG2 7  
ATOM   469  H HG3 . LYS A 1 5 ? 3.228  1.770  2.732  1.00 0.00 ? 5 LYS A HG3 7  
ATOM   470  H HD2 . LYS A 1 5 ? 4.945  1.202  0.350  1.00 0.00 ? 5 LYS A HD2 7  
ATOM   471  H HD3 . LYS A 1 5 ? 5.527  0.688  1.935  1.00 0.00 ? 5 LYS A HD3 7  
ATOM   472  H HE2 . LYS A 1 5 ? 2.688  0.088  1.198  1.00 0.00 ? 5 LYS A HE2 7  
ATOM   473  H HE3 . LYS A 1 5 ? 3.966  -0.897 0.487  1.00 0.00 ? 5 LYS A HE3 7  
ATOM   474  H HZ1 . LYS A 1 5 ? 4.821  -1.189 2.811  1.00 0.00 ? 5 LYS A HZ1 7  
ATOM   475  H HZ2 . LYS A 1 5 ? 3.333  -1.943 2.487  1.00 0.00 ? 5 LYS A HZ2 7  
ATOM   476  H HZ3 . LYS A 1 5 ? 3.379  -0.488 3.363  1.00 0.00 ? 5 LYS A HZ3 7  
HETATM 477  N N   . DBB A 1 1 ? 0.052  -2.918 1.812  1.00 0.00 ? 1 DBB A N   8  
HETATM 478  C CA  . DBB A 1 1 ? -0.866 -2.371 0.790  1.00 0.00 ? 1 DBB A CA  8  
HETATM 479  C C   . DBB A 1 1 ? -1.121 -3.416 -0.292 1.00 0.00 ? 1 DBB A C   8  
HETATM 480  O O   . DBB A 1 1 ? -2.134 -4.114 -0.254 1.00 0.00 ? 1 DBB A O   8  
HETATM 481  C CB  . DBB A 1 1 ? -2.195 -1.975 1.439  1.00 0.00 ? 1 DBB A CB  8  
HETATM 482  C CG  . DBB A 1 1 ? -3.081 -1.303 0.382  1.00 0.00 ? 1 DBB A CG  8  
HETATM 483  H H2  . DBB A 1 1 ? 0.158  -3.941 1.663  1.00 0.00 ? 1 DBB A H2  8  
HETATM 484  H H   . DBB A 1 1 ? 0.978  -2.453 1.722  1.00 0.00 ? 1 DBB A H   8  
HETATM 485  H HA  . DBB A 1 1 ? -0.422 -1.523 0.346  1.00 0.00 ? 1 DBB A HA  8  
HETATM 486  H HB2 . DBB A 1 1 ? -2.682 -2.879 1.788  1.00 0.00 ? 1 DBB A HB2 8  
HETATM 487  H HG1 . DBB A 1 1 ? -2.645 -1.446 -0.597 1.00 0.00 ? 1 DBB A HG1 8  
HETATM 488  H HG2 . DBB A 1 1 ? -3.158 -0.248 0.592  1.00 0.00 ? 1 DBB A HG2 8  
HETATM 489  H HG3 . DBB A 1 1 ? -4.064 -1.747 0.404  1.00 0.00 ? 1 DBB A HG3 8  
HETATM 490  H HT3 . DBB A 1 1 ? -0.336 -2.737 2.755  1.00 0.00 ? 1 DBB A HT3 8  
ATOM   491  N N   . PRO A 1 2 ? -0.244 -3.533 -1.263 1.00 0.00 ? 2 PRO A N   8  
ATOM   492  C CA  . PRO A 1 2 ? 1.013  -2.720 -1.375 1.00 0.00 ? 2 PRO A CA  8  
ATOM   493  C C   . PRO A 1 2 ? 0.720  -1.246 -1.643 1.00 0.00 ? 2 PRO A C   8  
ATOM   494  O O   . PRO A 1 2 ? 1.547  -0.374 -1.376 1.00 0.00 ? 2 PRO A O   8  
ATOM   495  C CB  . PRO A 1 2 ? 1.770  -3.344 -2.556 1.00 0.00 ? 2 PRO A CB  8  
ATOM   496  C CG  . PRO A 1 2 ? 1.064  -4.625 -2.874 1.00 0.00 ? 2 PRO A CG  8  
ATOM   497  C CD  . PRO A 1 2 ? -0.370 -4.468 -2.378 1.00 0.00 ? 2 PRO A CD  8  
ATOM   498  H HA  . PRO A 1 2 ? 1.602  -2.822 -0.478 1.00 0.00 ? 2 PRO A HA  8  
ATOM   499  H HB2 . PRO A 1 2 ? 1.741  -2.680 -3.408 1.00 0.00 ? 2 PRO A HB2 8  
ATOM   500  H HB3 . PRO A 1 2 ? 2.792  -3.550 -2.277 1.00 0.00 ? 2 PRO A HB3 8  
ATOM   501  H HG2 . PRO A 1 2 ? 1.073  -4.795 -3.942 1.00 0.00 ? 2 PRO A HG2 8  
ATOM   502  H HG3 . PRO A 1 2 ? 1.538  -5.447 -2.362 1.00 0.00 ? 2 PRO A HG3 8  
ATOM   503  H HD2 . PRO A 1 2 ? -0.999 -4.053 -3.154 1.00 0.00 ? 2 PRO A HD2 8  
ATOM   504  H HD3 . PRO A 1 2 ? -0.761 -5.411 -2.030 1.00 0.00 ? 2 PRO A HD3 8  
ATOM   505  N N   . GLY A 1 3 ? -0.478 -0.983 -2.142 1.00 0.00 ? 3 GLY A N   8  
ATOM   506  C CA  . GLY A 1 3 ? -0.907 0.374  -2.413 1.00 0.00 ? 3 GLY A CA  8  
ATOM   507  C C   . GLY A 1 3 ? -0.799 1.207  -1.151 1.00 0.00 ? 3 GLY A C   8  
ATOM   508  O O   . GLY A 1 3 ? -0.397 2.370  -1.186 1.00 0.00 ? 3 GLY A O   8  
ATOM   509  H H   . GLY A 1 3 ? -1.093 -1.715 -2.310 1.00 0.00 ? 3 GLY A H   8  
ATOM   510  H HA2 . GLY A 1 3 ? -0.296 0.805  -3.193 1.00 0.00 ? 3 GLY A HA2 8  
ATOM   511  H HA3 . GLY A 1 3 ? -1.934 0.351  -2.724 1.00 0.00 ? 3 GLY A HA3 8  
ATOM   512  N N   . CYS A 1 4 ? -1.175 0.585  -0.040 1.00 0.00 ? 4 CYS A N   8  
ATOM   513  C CA  . CYS A 1 4 ? -1.140 1.235  1.260  1.00 0.00 ? 4 CYS A CA  8  
ATOM   514  C C   . CYS A 1 4 ? -0.233 2.472  1.229  1.00 0.00 ? 4 CYS A C   8  
ATOM   515  O O   . CYS A 1 4 ? -0.642 3.526  0.740  1.00 0.00 ? 4 CYS A O   8  
ATOM   516  C CB  . CYS A 1 4 ? -0.629 0.241  2.313  1.00 0.00 ? 4 CYS A CB  8  
ATOM   517  S SG  . CYS A 1 4 ? -1.979 -0.853 2.867  1.00 0.00 ? 4 CYS A SG  8  
ATOM   518  H H   . CYS A 1 4 ? -1.505 -0.333 -0.102 1.00 0.00 ? 4 CYS A H   8  
ATOM   519  H HA  . CYS A 1 4 ? -2.138 1.536  1.522  1.00 0.00 ? 4 CYS A HA  8  
ATOM   520  H HB2 . CYS A 1 4 ? 0.175  -0.345 1.906  1.00 0.00 ? 4 CYS A HB2 8  
ATOM   521  H HB3 . CYS A 1 4 ? -0.258 0.797  3.162  1.00 0.00 ? 4 CYS A HB3 8  
ATOM   522  N N   . LYS A 1 5 ? 0.989  2.352  1.744  1.00 0.00 ? 5 LYS A N   8  
ATOM   523  C CA  . LYS A 1 5 ? 1.911  3.482  1.753  1.00 0.00 ? 5 LYS A CA  8  
ATOM   524  C C   . LYS A 1 5 ? 3.098  3.211  0.834  1.00 0.00 ? 5 LYS A C   8  
ATOM   525  O O   . LYS A 1 5 ? 2.867  2.875  -0.316 1.00 0.00 ? 5 LYS A O   8  
ATOM   526  C CB  . LYS A 1 5 ? 2.413  3.738  3.176  1.00 0.00 ? 5 LYS A CB  8  
ATOM   527  C CG  . LYS A 1 5 ? 2.873  2.418  3.803  1.00 0.00 ? 5 LYS A CG  8  
ATOM   528  C CD  . LYS A 1 5 ? 1.996  2.092  5.015  1.00 0.00 ? 5 LYS A CD  8  
ATOM   529  C CE  . LYS A 1 5 ? 2.412  0.741  5.598  1.00 0.00 ? 5 LYS A CE  8  
ATOM   530  N NZ  . LYS A 1 5 ? 2.591  0.870  7.071  1.00 0.00 1 5 LYS A NZ  8  
ATOM   531  O OXT . LYS A 1 5 ? 4.221  3.346  1.292  1.00 0.00 ? 5 LYS A OXT 8  
ATOM   532  H H   . LYS A 1 5 ? 1.277  1.501  2.123  1.00 0.00 ? 5 LYS A H   8  
ATOM   533  H HA  . LYS A 1 5 ? 1.391  4.361  1.405  1.00 0.00 ? 5 LYS A HA  8  
ATOM   534  H HB2 . LYS A 1 5 ? 3.243  4.430  3.146  1.00 0.00 ? 5 LYS A HB2 8  
ATOM   535  H HB3 . LYS A 1 5 ? 1.615  4.158  3.768  1.00 0.00 ? 5 LYS A HB3 8  
ATOM   536  H HG2 . LYS A 1 5 ? 2.790  1.624  3.075  1.00 0.00 ? 5 LYS A HG2 8  
ATOM   537  H HG3 . LYS A 1 5 ? 3.901  2.509  4.120  1.00 0.00 ? 5 LYS A HG3 8  
ATOM   538  H HD2 . LYS A 1 5 ? 2.118  2.862  5.763  1.00 0.00 ? 5 LYS A HD2 8  
ATOM   539  H HD3 . LYS A 1 5 ? 0.962  2.048  4.710  1.00 0.00 ? 5 LYS A HD3 8  
ATOM   540  H HE2 . LYS A 1 5 ? 1.646  0.009  5.391  1.00 0.00 ? 5 LYS A HE2 8  
ATOM   541  H HE3 . LYS A 1 5 ? 3.342  0.425  5.149  1.00 0.00 ? 5 LYS A HE3 8  
ATOM   542  H HZ1 . LYS A 1 5 ? 2.206  0.029  7.543  1.00 0.00 ? 5 LYS A HZ1 8  
ATOM   543  H HZ2 . LYS A 1 5 ? 2.090  1.718  7.408  1.00 0.00 ? 5 LYS A HZ2 8  
ATOM   544  H HZ3 . LYS A 1 5 ? 3.603  0.955  7.293  1.00 0.00 ? 5 LYS A HZ3 8  
HETATM 545  N N   . DBB A 1 1 ? 0.034  -2.929 1.797  1.00 0.00 ? 1 DBB A N   9  
HETATM 546  C CA  . DBB A 1 1 ? -0.878 -2.371 0.775  1.00 0.00 ? 1 DBB A CA  9  
HETATM 547  C C   . DBB A 1 1 ? -1.129 -3.407 -0.316 1.00 0.00 ? 1 DBB A C   9  
HETATM 548  O O   . DBB A 1 1 ? -2.147 -4.098 -0.290 1.00 0.00 ? 1 DBB A O   9  
HETATM 549  C CB  . DBB A 1 1 ? -2.210 -1.977 1.418  1.00 0.00 ? 1 DBB A CB  9  
HETATM 550  C CG  . DBB A 1 1 ? -3.087 -1.294 0.362  1.00 0.00 ? 1 DBB A CG  9  
HETATM 551  H H2  . DBB A 1 1 ? 0.700  -3.583 1.340  1.00 0.00 ? 1 DBB A H2  9  
HETATM 552  H H   . DBB A 1 1 ? 0.560  -2.151 2.246  1.00 0.00 ? 1 DBB A H   9  
HETATM 553  H HA  . DBB A 1 1 ? -0.429 -1.521 0.340  1.00 0.00 ? 1 DBB A HA  9  
HETATM 554  H HB2 . DBB A 1 1 ? -2.701 -2.883 1.756  1.00 0.00 ? 1 DBB A HB2 9  
HETATM 555  H HG1 . DBB A 1 1 ? -2.642 -1.425 -0.616 1.00 0.00 ? 1 DBB A HG1 9  
HETATM 556  H HG2 . DBB A 1 1 ? -3.168 -0.244 0.586  1.00 0.00 ? 1 DBB A HG2 9  
HETATM 557  H HG3 . DBB A 1 1 ? -4.068 -1.742 0.369  1.00 0.00 ? 1 DBB A HG3 9  
HETATM 558  H HT3 . DBB A 1 1 ? -0.519 -3.432 2.514  1.00 0.00 ? 1 DBB A HT3 9  
ATOM   559  N N   . PRO A 1 2 ? -0.244 -3.525 -1.279 1.00 0.00 ? 2 PRO A N   9  
ATOM   560  C CA  . PRO A 1 2 ? 1.017  -2.717 -1.374 1.00 0.00 ? 2 PRO A CA  9  
ATOM   561  C C   . PRO A 1 2 ? 0.741  -1.244 -1.656 1.00 0.00 ? 2 PRO A C   9  
ATOM   562  O O   . PRO A 1 2 ? 1.593  -0.383 -1.435 1.00 0.00 ? 2 PRO A O   9  
ATOM   563  C CB  . PRO A 1 2 ? 1.789  -3.354 -2.540 1.00 0.00 ? 2 PRO A CB  9  
ATOM   564  C CG  . PRO A 1 2 ? 1.070  -4.624 -2.877 1.00 0.00 ? 2 PRO A CG  9  
ATOM   565  C CD  . PRO A 1 2 ? -0.367 -4.452 -2.400 1.00 0.00 ? 2 PRO A CD  9  
ATOM   566  H HA  . PRO A 1 2 ? 1.590  -2.819 -0.468 1.00 0.00 ? 2 PRO A HA  9  
ATOM   567  H HB2 . PRO A 1 2 ? 1.791  -2.687 -3.392 1.00 0.00 ? 2 PRO A HB2 9  
ATOM   568  H HB3 . PRO A 1 2 ? 2.801  -3.576 -2.238 1.00 0.00 ? 2 PRO A HB3 9  
ATOM   569  H HG2 . PRO A 1 2 ? 1.092  -4.786 -3.947 1.00 0.00 ? 2 PRO A HG2 9  
ATOM   570  H HG3 . PRO A 1 2 ? 1.525  -5.455 -2.365 1.00 0.00 ? 2 PRO A HG3 9  
ATOM   571  H HD2 . PRO A 1 2 ? -0.982 -4.025 -3.182 1.00 0.00 ? 2 PRO A HD2 9  
ATOM   572  H HD3 . PRO A 1 2 ? -0.775 -5.391 -2.063 1.00 0.00 ? 2 PRO A HD3 9  
ATOM   573  N N   . GLY A 1 3 ? -0.471 -0.965 -2.116 1.00 0.00 ? 3 GLY A N   9  
ATOM   574  C CA  . GLY A 1 3 ? -0.885 0.396  -2.396 1.00 0.00 ? 3 GLY A CA  9  
ATOM   575  C C   . GLY A 1 3 ? -0.794 1.223  -1.129 1.00 0.00 ? 3 GLY A C   9  
ATOM   576  O O   . GLY A 1 3 ? -0.396 2.388  -1.153 1.00 0.00 ? 3 GLY A O   9  
ATOM   577  H H   . GLY A 1 3 ? -1.106 -1.688 -2.250 1.00 0.00 ? 3 GLY A H   9  
ATOM   578  H HA2 . GLY A 1 3 ? -0.253 0.823  -3.162 1.00 0.00 ? 3 GLY A HA2 9  
ATOM   579  H HA3 . GLY A 1 3 ? -1.904 0.381  -2.727 1.00 0.00 ? 3 GLY A HA3 9  
ATOM   580  N N   . CYS A 1 4 ? -1.177 0.592  -0.027 1.00 0.00 ? 4 CYS A N   9  
ATOM   581  C CA  . CYS A 1 4 ? -1.161 1.231  1.275  1.00 0.00 ? 4 CYS A CA  9  
ATOM   582  C C   . CYS A 1 4 ? -0.264 2.474  1.267  1.00 0.00 ? 4 CYS A C   9  
ATOM   583  O O   . CYS A 1 4 ? -0.704 3.552  0.869  1.00 0.00 ? 4 CYS A O   9  
ATOM   584  C CB  . CYS A 1 4 ? -0.655 0.232  2.326  1.00 0.00 ? 4 CYS A CB  9  
ATOM   585  S SG  . CYS A 1 4 ? -2.005 -0.872 2.861  1.00 0.00 ? 4 CYS A SG  9  
ATOM   586  H H   . CYS A 1 4 ? -1.502 -0.326 -0.099 1.00 0.00 ? 4 CYS A H   9  
ATOM   587  H HA  . CYS A 1 4 ? -2.160 1.523  1.530  1.00 0.00 ? 4 CYS A HA  9  
ATOM   588  H HB2 . CYS A 1 4 ? 0.153  -0.350 1.920  1.00 0.00 ? 4 CYS A HB2 9  
ATOM   589  H HB3 . CYS A 1 4 ? -0.292 0.781  3.181  1.00 0.00 ? 4 CYS A HB3 9  
ATOM   590  N N   . LYS A 1 5 ? 0.988  2.330  1.698  1.00 0.00 ? 5 LYS A N   9  
ATOM   591  C CA  . LYS A 1 5 ? 1.905  3.464  1.719  1.00 0.00 ? 5 LYS A CA  9  
ATOM   592  C C   . LYS A 1 5 ? 1.657  4.375  0.522  1.00 0.00 ? 5 LYS A C   9  
ATOM   593  O O   . LYS A 1 5 ? 2.278  4.156  -0.504 1.00 0.00 ? 5 LYS A O   9  
ATOM   594  C CB  . LYS A 1 5 ? 3.350  2.964  1.691  1.00 0.00 ? 5 LYS A CB  9  
ATOM   595  C CG  . LYS A 1 5 ? 3.421  1.568  2.311  1.00 0.00 ? 5 LYS A CG  9  
ATOM   596  C CD  . LYS A 1 5 ? 2.961  0.529  1.288  1.00 0.00 ? 5 LYS A CD  9  
ATOM   597  C CE  . LYS A 1 5 ? 4.179  -0.162 0.673  1.00 0.00 ? 5 LYS A CE  9  
ATOM   598  N NZ  . LYS A 1 5 ? 5.078  -0.642 1.760  1.00 0.00 1 5 LYS A NZ  9  
ATOM   599  O OXT . LYS A 1 5 ? 0.849  5.280  0.649  1.00 0.00 ? 5 LYS A OXT 9  
ATOM   600  H H   . LYS A 1 5 ? 1.300  1.459  2.004  1.00 0.00 ? 5 LYS A H   9  
ATOM   601  H HA  . LYS A 1 5 ? 1.748  4.024  2.628  1.00 0.00 ? 5 LYS A HA  9  
ATOM   602  H HB2 . LYS A 1 5 ? 3.697  2.923  0.668  1.00 0.00 ? 5 LYS A HB2 9  
ATOM   603  H HB3 . LYS A 1 5 ? 3.973  3.640  2.256  1.00 0.00 ? 5 LYS A HB3 9  
ATOM   604  H HG2 . LYS A 1 5 ? 4.440  1.356  2.607  1.00 0.00 ? 5 LYS A HG2 9  
ATOM   605  H HG3 . LYS A 1 5 ? 2.779  1.525  3.177  1.00 0.00 ? 5 LYS A HG3 9  
ATOM   606  H HD2 . LYS A 1 5 ? 2.337  -0.205 1.776  1.00 0.00 ? 5 LYS A HD2 9  
ATOM   607  H HD3 . LYS A 1 5 ? 2.396  1.019  0.507  1.00 0.00 ? 5 LYS A HD3 9  
ATOM   608  H HE2 . LYS A 1 5 ? 3.854  -1.004 0.078  1.00 0.00 ? 5 LYS A HE2 9  
ATOM   609  H HE3 . LYS A 1 5 ? 4.713  0.537  0.048  1.00 0.00 ? 5 LYS A HE3 9  
ATOM   610  H HZ1 . LYS A 1 5 ? 5.785  0.089  1.975  1.00 0.00 ? 5 LYS A HZ1 9  
ATOM   611  H HZ2 . LYS A 1 5 ? 5.561  -1.512 1.451  1.00 0.00 ? 5 LYS A HZ2 9  
ATOM   612  H HZ3 . LYS A 1 5 ? 4.517  -0.840 2.613  1.00 0.00 ? 5 LYS A HZ3 9  
HETATM 613  N N   . DBB A 1 1 ? -0.037 -2.951 1.743  1.00 0.00 ? 1 DBB A N   10 
HETATM 614  C CA  . DBB A 1 1 ? -0.925 -2.369 0.716  1.00 0.00 ? 1 DBB A CA  10 
HETATM 615  C C   . DBB A 1 1 ? -1.165 -3.380 -0.400 1.00 0.00 ? 1 DBB A C   10 
HETATM 616  O O   . DBB A 1 1 ? -2.199 -4.048 -0.422 1.00 0.00 ? 1 DBB A O   10 
HETATM 617  C CB  . DBB A 1 1 ? -2.272 -1.986 1.339  1.00 0.00 ? 1 DBB A CB  10 
HETATM 618  C CG  . DBB A 1 1 ? -3.116 -1.258 0.288  1.00 0.00 ? 1 DBB A CG  10 
HETATM 619  H H2  . DBB A 1 1 ? -0.543 -2.998 2.649  1.00 0.00 ? 1 DBB A H2  10 
HETATM 620  H H   . DBB A 1 1 ? 0.249  -3.905 1.449  1.00 0.00 ? 1 DBB A H   10 
HETATM 621  H HA  . DBB A 1 1 ? -0.463 -1.511 0.305  1.00 0.00 ? 1 DBB A HA  10 
HETATM 622  H HB2 . DBB A 1 1 ? -2.778 -2.900 1.629  1.00 0.00 ? 1 DBB A HB2 10 
HETATM 623  H HG1 . DBB A 1 1 ? -4.101 -1.700 0.251  1.00 0.00 ? 1 DBB A HG1 10 
HETATM 624  H HG2 . DBB A 1 1 ? -2.646 -1.351 -0.681 1.00 0.00 ? 1 DBB A HG2 10 
HETATM 625  H HG3 . DBB A 1 1 ? -3.200 -0.216 0.549  1.00 0.00 ? 1 DBB A HG3 10 
HETATM 626  H HT3 . DBB A 1 1 ? 0.808  -2.354 1.844  1.00 0.00 ? 1 DBB A HT3 10 
ATOM   627  N N   . PRO A 1 2 ? -0.256 -3.497 -1.338 1.00 0.00 ? 2 PRO A N   10 
ATOM   628  C CA  . PRO A 1 2 ? 1.023  -2.716 -1.375 1.00 0.00 ? 2 PRO A CA  10 
ATOM   629  C C   . PRO A 1 2 ? 0.796  -1.239 -1.691 1.00 0.00 ? 2 PRO A C   10 
ATOM   630  O O   . PRO A 1 2 ? 1.713  -0.424 -1.594 1.00 0.00 ? 2 PRO A O   10 
ATOM   631  C CB  . PRO A 1 2 ? 1.844  -3.387 -2.489 1.00 0.00 ? 2 PRO A CB  10 
ATOM   632  C CG  . PRO A 1 2 ? 1.094  -4.622 -2.879 1.00 0.00 ? 2 PRO A CG  10 
ATOM   633  C CD  . PRO A 1 2 ? -0.361 -4.393 -2.484 1.00 0.00 ? 2 PRO A CD  10 
ATOM   634  H HA  . PRO A 1 2 ? 1.545  -2.817 -0.438 1.00 0.00 ? 2 PRO A HA  10 
ATOM   635  H HB2 . PRO A 1 2 ? 1.931  -2.719 -3.335 1.00 0.00 ? 2 PRO A HB2 10 
ATOM   636  H HB3 . PRO A 1 2 ? 2.822  -3.652 -2.121 1.00 0.00 ? 2 PRO A HB3 10 
ATOM   637  H HG2 . PRO A 1 2 ? 1.171  -4.778 -3.948 1.00 0.00 ? 2 PRO A HG2 10 
ATOM   638  H HG3 . PRO A 1 2 ? 1.483  -5.476 -2.350 1.00 0.00 ? 2 PRO A HG3 10 
ATOM   639  H HD2 . PRO A 1 2 ? -0.905 -3.918 -3.289 1.00 0.00 ? 2 PRO A HD2 10 
ATOM   640  H HD3 . PRO A 1 2 ? -0.833 -5.317 -2.192 1.00 0.00 ? 2 PRO A HD3 10 
ATOM   641  N N   . GLY A 1 3 ? -0.440 -0.905 -2.040 1.00 0.00 ? 3 GLY A N   10 
ATOM   642  C CA  . GLY A 1 3 ? -0.801 0.469  -2.336 1.00 0.00 ? 3 GLY A CA  10 
ATOM   643  C C   . GLY A 1 3 ? -0.764 1.274  -1.055 1.00 0.00 ? 3 GLY A C   10 
ATOM   644  O O   . GLY A 1 3 ? -0.374 2.441  -1.035 1.00 0.00 ? 3 GLY A O   10 
ATOM   645  H H   . GLY A 1 3 ? -1.128 -1.592 -2.076 1.00 0.00 ? 3 GLY A H   10 
ATOM   646  H HA2 . GLY A 1 3 ? -0.109 0.886  -3.056 1.00 0.00 ? 3 GLY A HA2 10 
ATOM   647  H HA3 . GLY A 1 3 ? -1.798 0.486  -2.730 1.00 0.00 ? 3 GLY A HA3 10 
ATOM   648  N N   . CYS A 1 4 ? -1.186 0.615  0.012  1.00 0.00 ? 4 CYS A N   10 
ATOM   649  C CA  . CYS A 1 4 ? -1.227 1.211  1.329  1.00 0.00 ? 4 CYS A CA  10 
ATOM   650  C C   . CYS A 1 4 ? -0.349 2.466  1.399  1.00 0.00 ? 4 CYS A C   10 
ATOM   651  O O   . CYS A 1 4 ? -0.855 3.585  1.326  1.00 0.00 ? 4 CYS A O   10 
ATOM   652  C CB  . CYS A 1 4 ? -0.740 0.183  2.358  1.00 0.00 ? 4 CYS A CB  10 
ATOM   653  S SG  . CYS A 1 4 ? -2.095 -0.940 2.829  1.00 0.00 ? 4 CYS A SG  10 
ATOM   654  H H   . CYS A 1 4 ? -1.501 -0.303 -0.097 1.00 0.00 ? 4 CYS A H   10 
ATOM   655  H HA  . CYS A 1 4 ? -2.237 1.474  1.554  1.00 0.00 ? 4 CYS A HA  10 
ATOM   656  H HB2 . CYS A 1 4 ? 0.078  -0.384 1.951  1.00 0.00 ? 4 CYS A HB2 10 
ATOM   657  H HB3 . CYS A 1 4 ? -0.397 0.706  3.239  1.00 0.00 ? 4 CYS A HB3 10 
ATOM   658  N N   . LYS A 1 5 ? 0.961  2.278  1.534  1.00 0.00 ? 5 LYS A N   10 
ATOM   659  C CA  . LYS A 1 5 ? 1.882  3.408  1.606  1.00 0.00 ? 5 LYS A CA  10 
ATOM   660  C C   . LYS A 1 5 ? 2.800  3.424  0.389  1.00 0.00 ? 5 LYS A C   10 
ATOM   661  O O   . LYS A 1 5 ? 2.921  2.392  -0.252 1.00 0.00 ? 5 LYS A O   10 
ATOM   662  C CB  . LYS A 1 5 ? 2.725  3.336  2.887  1.00 0.00 ? 5 LYS A CB  10 
ATOM   663  C CG  . LYS A 1 5 ? 3.183  1.895  3.146  1.00 0.00 ? 5 LYS A CG  10 
ATOM   664  C CD  . LYS A 1 5 ? 4.511  1.635  2.422  1.00 0.00 ? 5 LYS A CD  10 
ATOM   665  C CE  . LYS A 1 5 ? 4.563  0.185  1.931  1.00 0.00 ? 5 LYS A CE  10 
ATOM   666  N NZ  . LYS A 1 5 ? 4.266  0.143  0.472  1.00 0.00 1 5 LYS A NZ  10 
ATOM   667  O OXT . LYS A 1 5 ? 3.371  4.467  0.115  1.00 0.00 ? 5 LYS A OXT 10 
ATOM   668  H H   . LYS A 1 5 ? 1.314  1.374  1.582  1.00 0.00 ? 5 LYS A H   10 
ATOM   669  H HA  . LYS A 1 5 ? 1.307  4.323  1.619  1.00 0.00 ? 5 LYS A HA  10 
ATOM   670  H HB2 . LYS A 1 5 ? 3.590  3.973  2.779  1.00 0.00 ? 5 LYS A HB2 10 
ATOM   671  H HB3 . LYS A 1 5 ? 2.133  3.677  3.722  1.00 0.00 ? 5 LYS A HB3 10 
ATOM   672  H HG2 . LYS A 1 5 ? 3.321  1.749  4.207  1.00 0.00 ? 5 LYS A HG2 10 
ATOM   673  H HG3 . LYS A 1 5 ? 2.437  1.207  2.785  1.00 0.00 ? 5 LYS A HG3 10 
ATOM   674  H HD2 . LYS A 1 5 ? 4.597  2.304  1.578  1.00 0.00 ? 5 LYS A HD2 10 
ATOM   675  H HD3 . LYS A 1 5 ? 5.328  1.811  3.104  1.00 0.00 ? 5 LYS A HD3 10 
ATOM   676  H HE2 . LYS A 1 5 ? 5.550  -0.219 2.108  1.00 0.00 ? 5 LYS A HE2 10 
ATOM   677  H HE3 . LYS A 1 5 ? 3.834  -0.407 2.466  1.00 0.00 ? 5 LYS A HE3 10 
ATOM   678  H HZ1 . LYS A 1 5 ? 3.404  -0.417 0.309  1.00 0.00 ? 5 LYS A HZ1 10 
ATOM   679  H HZ2 . LYS A 1 5 ? 5.065  -0.295 -0.032 1.00 0.00 ? 5 LYS A HZ2 10 
ATOM   680  H HZ3 . LYS A 1 5 ? 4.119  1.110  0.118  1.00 0.00 ? 5 LYS A HZ3 10 
HETATM 681  N N   . DBB A 1 1 ? 0.051  -2.921 1.807  1.00 0.00 ? 1 DBB A N   11 
HETATM 682  C CA  . DBB A 1 1 ? -0.867 -2.371 0.787  1.00 0.00 ? 1 DBB A CA  11 
HETATM 683  C C   . DBB A 1 1 ? -1.123 -3.414 -0.296 1.00 0.00 ? 1 DBB A C   11 
HETATM 684  O O   . DBB A 1 1 ? -2.139 -4.110 -0.260 1.00 0.00 ? 1 DBB A O   11 
HETATM 685  C CB  . DBB A 1 1 ? -2.194 -1.975 1.437  1.00 0.00 ? 1 DBB A CB  11 
HETATM 686  C CG  . DBB A 1 1 ? -3.080 -1.300 0.382  1.00 0.00 ? 1 DBB A CG  11 
HETATM 687  H H2  . DBB A 1 1 ? 0.026  -3.960 1.766  1.00 0.00 ? 1 DBB A H2  11 
HETATM 688  H H   . DBB A 1 1 ? 1.015  -2.586 1.616  1.00 0.00 ? 1 DBB A H   11 
HETATM 689  H HA  . DBB A 1 1 ? -0.422 -1.523 0.345  1.00 0.00 ? 1 DBB A HA  11 
HETATM 690  H HB2 . DBB A 1 1 ? -2.683 -2.878 1.785  1.00 0.00 ? 1 DBB A HB2 11 
HETATM 691  H HG1 . DBB A 1 1 ? -2.643 -1.439 -0.598 1.00 0.00 ? 1 DBB A HG1 11 
HETATM 692  H HG2 . DBB A 1 1 ? -3.158 -0.246 0.596  1.00 0.00 ? 1 DBB A HG2 11 
HETATM 693  H HG3 . DBB A 1 1 ? -4.063 -1.746 0.401  1.00 0.00 ? 1 DBB A HG3 11 
HETATM 694  H HT3 . DBB A 1 1 ? -0.249 -2.600 2.748  1.00 0.00 ? 1 DBB A HT3 11 
ATOM   695  N N   . PRO A 1 2 ? -0.245 -3.533 -1.268 1.00 0.00 ? 2 PRO A N   11 
ATOM   696  C CA  . PRO A 1 2 ? 1.012  -2.722 -1.377 1.00 0.00 ? 2 PRO A CA  11 
ATOM   697  C C   . PRO A 1 2 ? 0.724  -1.248 -1.648 1.00 0.00 ? 2 PRO A C   11 
ATOM   698  O O   . PRO A 1 2 ? 1.558  -0.380 -1.392 1.00 0.00 ? 2 PRO A O   11 
ATOM   699  C CB  . PRO A 1 2 ? 1.770  -3.351 -2.557 1.00 0.00 ? 2 PRO A CB  11 
ATOM   700  C CG  . PRO A 1 2 ? 1.058  -4.627 -2.880 1.00 0.00 ? 2 PRO A CG  11 
ATOM   701  C CD  . PRO A 1 2 ? -0.375 -4.467 -2.383 1.00 0.00 ? 2 PRO A CD  11 
ATOM   702  H HA  . PRO A 1 2 ? 1.599  -2.824 -0.478 1.00 0.00 ? 2 PRO A HA  11 
ATOM   703  H HB2 . PRO A 1 2 ? 1.748  -2.684 -3.408 1.00 0.00 ? 2 PRO A HB2 11 
ATOM   704  H HB3 . PRO A 1 2 ? 2.790  -3.562 -2.273 1.00 0.00 ? 2 PRO A HB3 11 
ATOM   705  H HG2 . PRO A 1 2 ? 1.067  -4.792 -3.949 1.00 0.00 ? 2 PRO A HG2 11 
ATOM   706  H HG3 . PRO A 1 2 ? 1.529  -5.453 -2.371 1.00 0.00 ? 2 PRO A HG3 11 
ATOM   707  H HD2 . PRO A 1 2 ? -1.004 -4.048 -3.158 1.00 0.00 ? 2 PRO A HD2 11 
ATOM   708  H HD3 . PRO A 1 2 ? -0.769 -5.408 -2.036 1.00 0.00 ? 2 PRO A HD3 11 
ATOM   709  N N   . GLY A 1 3 ? -0.478 -0.981 -2.137 1.00 0.00 ? 3 GLY A N   11 
ATOM   710  C CA  . GLY A 1 3 ? -0.903 0.377  -2.411 1.00 0.00 ? 3 GLY A CA  11 
ATOM   711  C C   . GLY A 1 3 ? -0.797 1.209  -1.148 1.00 0.00 ? 3 GLY A C   11 
ATOM   712  O O   . GLY A 1 3 ? -0.396 2.373  -1.181 1.00 0.00 ? 3 GLY A O   11 
ATOM   713  H H   . GLY A 1 3 ? -1.098 -1.712 -2.298 1.00 0.00 ? 3 GLY A H   11 
ATOM   714  H HA2 . GLY A 1 3 ? -0.289 0.805  -3.189 1.00 0.00 ? 3 GLY A HA2 11 
ATOM   715  H HA3 . GLY A 1 3 ? -1.929 0.354  -2.725 1.00 0.00 ? 3 GLY A HA3 11 
ATOM   716  N N   . CYS A 1 4 ? -1.173 0.587  -0.038 1.00 0.00 ? 4 CYS A N   11 
ATOM   717  C CA  . CYS A 1 4 ? -1.142 1.235  1.261  1.00 0.00 ? 4 CYS A CA  11 
ATOM   718  C C   . CYS A 1 4 ? -0.237 2.475  1.234  1.00 0.00 ? 4 CYS A C   11 
ATOM   719  O O   . CYS A 1 4 ? -0.651 3.531  0.757  1.00 0.00 ? 4 CYS A O   11 
ATOM   720  C CB  . CYS A 1 4 ? -0.630 0.241  2.314  1.00 0.00 ? 4 CYS A CB  11 
ATOM   721  S SG  . CYS A 1 4 ? -1.978 -0.855 2.868  1.00 0.00 ? 4 CYS A SG  11 
ATOM   722  H H   . CYS A 1 4 ? -1.503 -0.332 -0.101 1.00 0.00 ? 4 CYS A H   11 
ATOM   723  H HA  . CYS A 1 4 ? -2.140 1.534  1.523  1.00 0.00 ? 4 CYS A HA  11 
ATOM   724  H HB2 . CYS A 1 4 ? 0.175  -0.344 1.907  1.00 0.00 ? 4 CYS A HB2 11 
ATOM   725  H HB3 . CYS A 1 4 ? -0.259 0.796  3.164  1.00 0.00 ? 4 CYS A HB3 11 
ATOM   726  N N   . LYS A 1 5 ? 0.989  2.352  1.739  1.00 0.00 ? 5 LYS A N   11 
ATOM   727  C CA  . LYS A 1 5 ? 1.910  3.483  1.750  1.00 0.00 ? 5 LYS A CA  11 
ATOM   728  C C   . LYS A 1 5 ? 2.491  3.714  0.359  1.00 0.00 ? 5 LYS A C   11 
ATOM   729  O O   . LYS A 1 5 ? 2.002  3.099  -0.575 1.00 0.00 ? 5 LYS A O   11 
ATOM   730  C CB  . LYS A 1 5 ? 3.046  3.222  2.742  1.00 0.00 ? 5 LYS A CB  11 
ATOM   731  C CG  . LYS A 1 5 ? 3.751  1.913  2.379  1.00 0.00 ? 5 LYS A CG  11 
ATOM   732  C CD  . LYS A 1 5 ? 4.876  1.640  3.382  1.00 0.00 ? 5 LYS A CD  11 
ATOM   733  C CE  . LYS A 1 5 ? 4.588  0.340  4.135  1.00 0.00 ? 5 LYS A CE  11 
ATOM   734  N NZ  . LYS A 1 5 ? 5.498  0.235  5.311  1.00 0.00 1 5 LYS A NZ  11 
ATOM   735  O OXT . LYS A 1 5 ? 3.416  4.501  0.247  1.00 0.00 ? 5 LYS A OXT 11 
ATOM   736  H H   . LYS A 1 5 ? 1.281  1.498  2.108  1.00 0.00 ? 5 LYS A H   11 
ATOM   737  H HA  . LYS A 1 5 ? 1.376  4.368  2.058  1.00 0.00 ? 5 LYS A HA  11 
ATOM   738  H HB2 . LYS A 1 5 ? 3.754  4.037  2.700  1.00 0.00 ? 5 LYS A HB2 11 
ATOM   739  H HB3 . LYS A 1 5 ? 2.642  3.146  3.740  1.00 0.00 ? 5 LYS A HB3 11 
ATOM   740  H HG2 . LYS A 1 5 ? 3.038  1.101  2.406  1.00 0.00 ? 5 LYS A HG2 11 
ATOM   741  H HG3 . LYS A 1 5 ? 4.168  1.992  1.386  1.00 0.00 ? 5 LYS A HG3 11 
ATOM   742  H HD2 . LYS A 1 5 ? 5.814  1.551  2.853  1.00 0.00 ? 5 LYS A HD2 11 
ATOM   743  H HD3 . LYS A 1 5 ? 4.936  2.456  4.087  1.00 0.00 ? 5 LYS A HD3 11 
ATOM   744  H HE2 . LYS A 1 5 ? 3.562  0.339  4.473  1.00 0.00 ? 5 LYS A HE2 11 
ATOM   745  H HE3 . LYS A 1 5 ? 4.751  -0.501 3.477  1.00 0.00 ? 5 LYS A HE3 11 
ATOM   746  H HZ1 . LYS A 1 5 ? 6.344  -0.307 5.046  1.00 0.00 ? 5 LYS A HZ1 11 
ATOM   747  H HZ2 . LYS A 1 5 ? 5.004  -0.250 6.088  1.00 0.00 ? 5 LYS A HZ2 11 
ATOM   748  H HZ3 . LYS A 1 5 ? 5.780  1.187  5.618  1.00 0.00 ? 5 LYS A HZ3 11 
HETATM 749  N N   . DBB A 1 1 ? 0.035  -2.960 1.775  1.00 0.00 ? 1 DBB A N   12 
HETATM 750  C CA  . DBB A 1 1 ? -0.878 -2.380 0.768  1.00 0.00 ? 1 DBB A CA  12 
HETATM 751  C C   . DBB A 1 1 ? -1.156 -3.405 -0.329 1.00 0.00 ? 1 DBB A C   12 
HETATM 752  O O   . DBB A 1 1 ? -2.187 -4.076 -0.303 1.00 0.00 ? 1 DBB A O   12 
HETATM 753  C CB  . DBB A 1 1 ? -2.198 -1.973 1.428  1.00 0.00 ? 1 DBB A CB  12 
HETATM 754  C CG  . DBB A 1 1 ? -3.079 -1.274 0.386  1.00 0.00 ? 1 DBB A CG  12 
HETATM 755  H H2  . DBB A 1 1 ? -0.001 -3.996 1.712  1.00 0.00 ? 1 DBB A H2  12 
HETATM 756  H H   . DBB A 1 1 ? 1.004  -2.631 1.589  1.00 0.00 ? 1 DBB A H   12 
HETATM 757  H HA  . DBB A 1 1 ? -0.420 -1.532 0.334  1.00 0.00 ? 1 DBB A HA  12 
HETATM 758  H HB2 . DBB A 1 1 ? -2.695 -2.875 1.766  1.00 0.00 ? 1 DBB A HB2 12 
HETATM 759  H HG1 . DBB A 1 1 ? -2.650 -1.404 -0.597 1.00 0.00 ? 1 DBB A HG1 12 
HETATM 760  H HG2 . DBB A 1 1 ? -3.145 -0.223 0.616  1.00 0.00 ? 1 DBB A HG2 12 
HETATM 761  H HG3 . DBB A 1 1 ? -4.068 -1.709 0.405  1.00 0.00 ? 1 DBB A HG3 12 
HETATM 762  H HT3 . DBB A 1 1 ? -0.257 -2.654 2.722  1.00 0.00 ? 1 DBB A HT3 12 
ATOM   763  N N   . PRO A 1 2 ? -0.278 -3.529 -1.298 1.00 0.00 ? 2 PRO A N   12 
ATOM   764  C CA  . PRO A 1 2 ? 0.995  -2.745 -1.391 1.00 0.00 ? 2 PRO A CA  12 
ATOM   765  C C   . PRO A 1 2 ? 0.738  -1.267 -1.671 1.00 0.00 ? 2 PRO A C   12 
ATOM   766  O O   . PRO A 1 2 ? 1.605  -0.418 -1.457 1.00 0.00 ? 2 PRO A O   12 
ATOM   767  C CB  . PRO A 1 2 ? 1.757  -3.393 -2.559 1.00 0.00 ? 2 PRO A CB  12 
ATOM   768  C CG  . PRO A 1 2 ? 1.011  -4.643 -2.907 1.00 0.00 ? 2 PRO A CG  12 
ATOM   769  C CD  . PRO A 1 2 ? -0.423 -4.446 -2.425 1.00 0.00 ? 2 PRO A CD  12 
ATOM   770  H HA  . PRO A 1 2 ? 1.568  -2.857 -0.486 1.00 0.00 ? 2 PRO A HA  12 
ATOM   771  H HB2 . PRO A 1 2 ? 1.777  -2.722 -3.407 1.00 0.00 ? 2 PRO A HB2 12 
ATOM   772  H HB3 . PRO A 1 2 ? 2.763  -3.639 -2.255 1.00 0.00 ? 2 PRO A HB3 12 
ATOM   773  H HG2 . PRO A 1 2 ? 1.027  -4.797 -3.977 1.00 0.00 ? 2 PRO A HG2 12 
ATOM   774  H HG3 . PRO A 1 2 ? 1.449  -5.489 -2.403 1.00 0.00 ? 2 PRO A HG3 12 
ATOM   775  H HD2 . PRO A 1 2 ? -1.029 -4.000 -3.203 1.00 0.00 ? 2 PRO A HD2 12 
ATOM   776  H HD3 . PRO A 1 2 ? -0.850 -5.378 -2.094 1.00 0.00 ? 2 PRO A HD3 12 
ATOM   777  N N   . GLY A 1 3 ? -0.473 -0.973 -2.119 1.00 0.00 ? 3 GLY A N   12 
ATOM   778  C CA  . GLY A 1 3 ? -0.874 0.392  -2.397 1.00 0.00 ? 3 GLY A CA  12 
ATOM   779  C C   . GLY A 1 3 ? -0.780 1.219  -1.130 1.00 0.00 ? 3 GLY A C   12 
ATOM   780  O O   . GLY A 1 3 ? -0.384 2.384  -1.154 1.00 0.00 ? 3 GLY A O   12 
ATOM   781  H H   . GLY A 1 3 ? -1.117 -1.689 -2.247 1.00 0.00 ? 3 GLY A H   12 
ATOM   782  H HA2 . GLY A 1 3 ? -0.238 0.814  -3.162 1.00 0.00 ? 3 GLY A HA2 12 
ATOM   783  H HA3 . GLY A 1 3 ? -1.893 0.386  -2.730 1.00 0.00 ? 3 GLY A HA3 12 
ATOM   784  N N   . CYS A 1 4 ? -1.159 0.586  -0.027 1.00 0.00 ? 4 CYS A N   12 
ATOM   785  C CA  . CYS A 1 4 ? -1.141 1.225  1.277  1.00 0.00 ? 4 CYS A CA  12 
ATOM   786  C C   . CYS A 1 4 ? -0.254 2.476  1.265  1.00 0.00 ? 4 CYS A C   12 
ATOM   787  O O   . CYS A 1 4 ? -0.701 3.546  0.847  1.00 0.00 ? 4 CYS A O   12 
ATOM   788  C CB  . CYS A 1 4 ? -0.619 0.226  2.320  1.00 0.00 ? 4 CYS A CB  12 
ATOM   789  S SG  . CYS A 1 4 ? -1.961 -0.879 2.876  1.00 0.00 ? 4 CYS A SG  12 
ATOM   790  H H   . CYS A 1 4 ? -1.484 -0.332 -0.099 1.00 0.00 ? 4 CYS A H   12 
ATOM   791  H HA  . CYS A 1 4 ? -2.145 1.507  1.538  1.00 0.00 ? 4 CYS A HA  12 
ATOM   792  H HB2 . CYS A 1 4 ? 0.184  -0.354 1.904  1.00 0.00 ? 4 CYS A HB2 12 
ATOM   793  H HB3 . CYS A 1 4 ? -0.246 0.777  3.172  1.00 0.00 ? 4 CYS A HB3 12 
ATOM   794  N N   . LYS A 1 5 ? 0.994  2.356  1.718  1.00 0.00 ? 5 LYS A N   12 
ATOM   795  C CA  . LYS A 1 5 ? 1.897  3.501  1.735  1.00 0.00 ? 5 LYS A CA  12 
ATOM   796  C C   . LYS A 1 5 ? 2.384  3.821  0.327  1.00 0.00 ? 5 LYS A C   12 
ATOM   797  O O   . LYS A 1 5 ? 2.038  3.082  -0.582 1.00 0.00 ? 5 LYS A O   12 
ATOM   798  C CB  . LYS A 1 5 ? 3.097  3.210  2.638  1.00 0.00 ? 5 LYS A CB  12 
ATOM   799  C CG  . LYS A 1 5 ? 3.506  1.742  2.495  1.00 0.00 ? 5 LYS A CG  12 
ATOM   800  C CD  . LYS A 1 5 ? 3.132  0.982  3.769  1.00 0.00 ? 5 LYS A CD  12 
ATOM   801  C CE  . LYS A 1 5 ? 3.220  -0.523 3.509  1.00 0.00 ? 5 LYS A CE  12 
ATOM   802  N NZ  . LYS A 1 5 ? 2.400  -1.249 4.522  1.00 0.00 1 5 LYS A NZ  12 
ATOM   803  O OXT . LYS A 1 5 ? 3.095  4.801  0.175  1.00 0.00 ? 5 LYS A OXT 12 
ATOM   804  H H   . LYS A 1 5 ? 1.313  1.491  2.040  1.00 0.00 ? 5 LYS A H   12 
ATOM   805  H HA  . LYS A 1 5 ? 1.366  4.357  2.125  1.00 0.00 ? 5 LYS A HA  12 
ATOM   806  H HB2 . LYS A 1 5 ? 3.924  3.844  2.351  1.00 0.00 ? 5 LYS A HB2 12 
ATOM   807  H HB3 . LYS A 1 5 ? 2.831  3.410  3.665  1.00 0.00 ? 5 LYS A HB3 12 
ATOM   808  H HG2 . LYS A 1 5 ? 2.991  1.305  1.650  1.00 0.00 ? 5 LYS A HG2 12 
ATOM   809  H HG3 . LYS A 1 5 ? 4.571  1.678  2.340  1.00 0.00 ? 5 LYS A HG3 12 
ATOM   810  H HD2 . LYS A 1 5 ? 3.814  1.251  4.562  1.00 0.00 ? 5 LYS A HD2 12 
ATOM   811  H HD3 . LYS A 1 5 ? 2.123  1.237  4.058  1.00 0.00 ? 5 LYS A HD3 12 
ATOM   812  H HE2 . LYS A 1 5 ? 2.845  -0.741 2.521  1.00 0.00 ? 5 LYS A HE2 12 
ATOM   813  H HE3 . LYS A 1 5 ? 4.248  -0.842 3.584  1.00 0.00 ? 5 LYS A HE3 12 
ATOM   814  H HZ1 . LYS A 1 5 ? 1.532  -0.710 4.716  1.00 0.00 ? 5 LYS A HZ1 12 
ATOM   815  H HZ2 . LYS A 1 5 ? 2.949  -1.353 5.401  1.00 0.00 ? 5 LYS A HZ2 12 
ATOM   816  H HZ3 . LYS A 1 5 ? 2.148  -2.188 4.156  1.00 0.00 ? 5 LYS A HZ3 12 
HETATM 817  N N   . DBB A 1 1 ? 0.009  -2.992 1.776  1.00 0.00 ? 1 DBB A N   13 
HETATM 818  C CA  . DBB A 1 1 ? -0.881 -2.392 0.760  1.00 0.00 ? 1 DBB A CA  13 
HETATM 819  C C   . DBB A 1 1 ? -1.144 -3.397 -0.356 1.00 0.00 ? 1 DBB A C   13 
HETATM 820  O O   . DBB A 1 1 ? -2.175 -4.070 -0.356 1.00 0.00 ? 1 DBB A O   13 
HETATM 821  C CB  . DBB A 1 1 ? -2.213 -1.991 1.397  1.00 0.00 ? 1 DBB A CB  13 
HETATM 822  C CG  . DBB A 1 1 ? -3.076 -1.296 0.337  1.00 0.00 ? 1 DBB A CG  13 
HETATM 823  H H2  . DBB A 1 1 ? -0.564 -3.346 2.567  1.00 0.00 ? 1 DBB A H2  13 
HETATM 824  H H   . DBB A 1 1 ? 0.541  -3.772 1.348  1.00 0.00 ? 1 DBB A H   13 
HETATM 825  H HA  . DBB A 1 1 ? -0.412 -1.539 0.347  1.00 0.00 ? 1 DBB A HA  13 
HETATM 826  H HB2 . DBB A 1 1 ? -2.714 -2.894 1.724  1.00 0.00 ? 1 DBB A HB2 13 
HETATM 827  H HG1 . DBB A 1 1 ? -3.162 -0.247 0.570  1.00 0.00 ? 1 DBB A HG1 13 
HETATM 828  H HG2 . DBB A 1 1 ? -4.057 -1.745 0.323  1.00 0.00 ? 1 DBB A HG2 13 
HETATM 829  H HG3 . DBB A 1 1 ? -2.618 -1.414 -0.637 1.00 0.00 ? 1 DBB A HG3 13 
HETATM 830  H HT3 . DBB A 1 1 ? 0.672  -2.268 2.119  1.00 0.00 ? 1 DBB A HT3 13 
ATOM   831  N N   . PRO A 1 2 ? -0.258 -3.501 -1.316 1.00 0.00 ? 2 PRO A N   13 
ATOM   832  C CA  . PRO A 1 2 ? 1.011  -2.710 -1.369 1.00 0.00 ? 2 PRO A CA  13 
ATOM   833  C C   . PRO A 1 2 ? 0.753  -1.239 -1.668 1.00 0.00 ? 2 PRO A C   13 
ATOM   834  O O   . PRO A 1 2 ? 1.623  -0.388 -1.480 1.00 0.00 ? 2 PRO A O   13 
ATOM   835  C CB  . PRO A 1 2 ? 1.809  -3.367 -2.497 1.00 0.00 ? 2 PRO A CB  13 
ATOM   836  C CG  . PRO A 1 2 ? 0.803  -4.058 -3.358 1.00 0.00 ? 2 PRO A CG  13 
ATOM   837  C CD  . PRO A 1 2 ? -0.400 -4.388 -2.474 1.00 0.00 ? 2 PRO A CD  13 
ATOM   838  H HA  . PRO A 1 2 ? 1.550  -2.811 -0.443 1.00 0.00 ? 2 PRO A HA  13 
ATOM   839  H HB2 . PRO A 1 2 ? 2.338  -2.615 -3.064 1.00 0.00 ? 2 PRO A HB2 13 
ATOM   840  H HB3 . PRO A 1 2 ? 2.501  -4.086 -2.091 1.00 0.00 ? 2 PRO A HB3 13 
ATOM   841  H HG2 . PRO A 1 2 ? 0.502  -3.404 -4.167 1.00 0.00 ? 2 PRO A HG2 13 
ATOM   842  H HG3 . PRO A 1 2 ? 1.221  -4.969 -3.756 1.00 0.00 ? 2 PRO A HG3 13 
ATOM   843  H HD2 . PRO A 1 2 ? -1.324 -4.178 -2.996 1.00 0.00 ? 2 PRO A HD2 13 
ATOM   844  H HD3 . PRO A 1 2 ? -0.370 -5.417 -2.155 1.00 0.00 ? 2 PRO A HD3 13 
ATOM   845  N N   . GLY A 1 3 ? -0.465 -0.953 -2.100 1.00 0.00 ? 3 GLY A N   13 
ATOM   846  C CA  . GLY A 1 3 ? -0.867 0.408  -2.389 1.00 0.00 ? 3 GLY A CA  13 
ATOM   847  C C   . GLY A 1 3 ? -0.791 1.232  -1.119 1.00 0.00 ? 3 GLY A C   13 
ATOM   848  O O   . GLY A 1 3 ? -0.407 2.401  -1.134 1.00 0.00 ? 3 GLY A O   13 
ATOM   849  H H   . GLY A 1 3 ? -1.113 -1.668 -2.205 1.00 0.00 ? 3 GLY A H   13 
ATOM   850  H HA2 . GLY A 1 3 ? -0.223 0.833  -3.145 1.00 0.00 ? 3 GLY A HA2 13 
ATOM   851  H HA3 . GLY A 1 3 ? -1.882 0.398  -2.733 1.00 0.00 ? 3 GLY A HA3 13 
ATOM   852  N N   . CYS A 1 4 ? -1.169 0.590  -0.022 1.00 0.00 ? 4 CYS A N   13 
ATOM   853  C CA  . CYS A 1 4 ? -1.167 1.218  1.284  1.00 0.00 ? 4 CYS A CA  13 
ATOM   854  C C   . CYS A 1 4 ? -0.280 2.469  1.293  1.00 0.00 ? 4 CYS A C   13 
ATOM   855  O O   . CYS A 1 4 ? -0.747 3.560  0.966  1.00 0.00 ? 4 CYS A O   13 
ATOM   856  C CB  . CYS A 1 4 ? -0.661 0.214  2.329  1.00 0.00 ? 4 CYS A CB  13 
ATOM   857  S SG  . CYS A 1 4 ? -2.009 -0.897 2.849  1.00 0.00 ? 4 CYS A SG  13 
ATOM   858  H H   . CYS A 1 4 ? -1.481 -0.334 -0.102 1.00 0.00 ? 4 CYS A H   13 
ATOM   859  H HA  . CYS A 1 4 ? -2.170 1.499  1.531  1.00 0.00 ? 4 CYS A HA  13 
ATOM   860  H HB2 . CYS A 1 4 ? 0.152  -0.361 1.924  1.00 0.00 ? 4 CYS A HB2 13 
ATOM   861  H HB3 . CYS A 1 4 ? -0.305 0.760  3.191  1.00 0.00 ? 4 CYS A HB3 13 
ATOM   862  N N   . LYS A 1 5 ? 0.990  2.317  1.662  1.00 0.00 ? 5 LYS A N   13 
ATOM   863  C CA  . LYS A 1 5 ? 1.899  3.456  1.699  1.00 0.00 ? 5 LYS A CA  13 
ATOM   864  C C   . LYS A 1 5 ? 1.960  4.138  0.336  1.00 0.00 ? 5 LYS A C   13 
ATOM   865  O O   . LYS A 1 5 ? 2.062  5.353  0.307  1.00 0.00 ? 5 LYS A O   13 
ATOM   866  C CB  . LYS A 1 5 ? 3.302  2.995  2.103  1.00 0.00 ? 5 LYS A CB  13 
ATOM   867  C CG  . LYS A 1 5 ? 3.197  1.847  3.107  1.00 0.00 ? 5 LYS A CG  13 
ATOM   868  C CD  . LYS A 1 5 ? 2.293  2.264  4.270  1.00 0.00 ? 5 LYS A CD  13 
ATOM   869  C CE  . LYS A 1 5 ? 2.148  1.096  5.249  1.00 0.00 ? 5 LYS A CE  13 
ATOM   870  N NZ  . LYS A 1 5 ? 2.952  1.371  6.472  1.00 0.00 1 5 LYS A NZ  13 
ATOM   871  O OXT . LYS A 1 5 ? 1.903  3.433  -0.659 1.00 0.00 ? 5 LYS A OXT 13 
ATOM   872  H H   . LYS A 1 5 ? 1.322  1.436  1.914  1.00 0.00 ? 5 LYS A H   13 
ATOM   873  H HA  . LYS A 1 5 ? 1.543  4.166  2.430  1.00 0.00 ? 5 LYS A HA  13 
ATOM   874  H HB2 . LYS A 1 5 ? 3.837  2.659  1.226  1.00 0.00 ? 5 LYS A HB2 13 
ATOM   875  H HB3 . LYS A 1 5 ? 3.833  3.819  2.554  1.00 0.00 ? 5 LYS A HB3 13 
ATOM   876  H HG2 . LYS A 1 5 ? 2.782  0.977  2.620  1.00 0.00 ? 5 LYS A HG2 13 
ATOM   877  H HG3 . LYS A 1 5 ? 4.181  1.610  3.487  1.00 0.00 ? 5 LYS A HG3 13 
ATOM   878  H HD2 . LYS A 1 5 ? 2.731  3.110  4.781  1.00 0.00 ? 5 LYS A HD2 13 
ATOM   879  H HD3 . LYS A 1 5 ? 1.321  2.535  3.890  1.00 0.00 ? 5 LYS A HD3 13 
ATOM   880  H HE2 . LYS A 1 5 ? 1.109  0.983  5.519  1.00 0.00 ? 5 LYS A HE2 13 
ATOM   881  H HE3 . LYS A 1 5 ? 2.501  0.190  4.781  1.00 0.00 ? 5 LYS A HE3 13 
ATOM   882  H HZ1 . LYS A 1 5 ? 3.047  0.498  7.028  1.00 0.00 ? 5 LYS A HZ1 13 
ATOM   883  H HZ2 . LYS A 1 5 ? 2.475  2.097  7.045  1.00 0.00 ? 5 LYS A HZ2 13 
ATOM   884  H HZ3 . LYS A 1 5 ? 3.896  1.710  6.199  1.00 0.00 ? 5 LYS A HZ3 13 
HETATM 885  N N   . DBB A 1 1 ? 0.066  -2.873 1.846  1.00 0.00 ? 1 DBB A N   14 
HETATM 886  C CA  . DBB A 1 1 ? -0.858 -2.362 0.810  1.00 0.00 ? 1 DBB A CA  14 
HETATM 887  C C   . DBB A 1 1 ? -1.082 -3.432 -0.255 1.00 0.00 ? 1 DBB A C   14 
HETATM 888  O O   . DBB A 1 1 ? -2.074 -4.157 -0.203 1.00 0.00 ? 1 DBB A O   14 
HETATM 889  C CB  . DBB A 1 1 ? -2.198 -1.984 1.444  1.00 0.00 ? 1 DBB A CB  14 
HETATM 890  C CG  . DBB A 1 1 ? -3.085 -1.345 0.370  1.00 0.00 ? 1 DBB A CG  14 
HETATM 891  H H2  . DBB A 1 1 ? -0.443 -2.961 2.746  1.00 0.00 ? 1 DBB A H2  14 
HETATM 892  H H   . DBB A 1 1 ? 0.430  -3.799 1.552  1.00 0.00 ? 1 DBB A H   14 
HETATM 893  H HA  . DBB A 1 1 ? -0.431 -1.513 0.355  1.00 0.00 ? 1 DBB A HA  14 
HETATM 894  H HB2 . DBB A 1 1 ? -2.671 -2.888 1.805  1.00 0.00 ? 1 DBB A HB2 14 
HETATM 895  H HG1 . DBB A 1 1 ? -2.642 -1.503 -0.605 1.00 0.00 ? 1 DBB A HG1 14 
HETATM 896  H HG2 . DBB A 1 1 ? -3.176 -0.287 0.559  1.00 0.00 ? 1 DBB A HG2 14 
HETATM 897  H HG3 . DBB A 1 1 ? -4.063 -1.801 0.396  1.00 0.00 ? 1 DBB A HG3 14 
HETATM 898  H HT3 . DBB A 1 1 ? 0.859  -2.209 1.954  1.00 0.00 ? 1 DBB A HT3 14 
ATOM   899  N N   . PRO A 1 2 ? -0.203 -3.540 -1.228 1.00 0.00 ? 2 PRO A N   14 
ATOM   900  C CA  . PRO A 1 2 ? 1.032  -2.692 -1.359 1.00 0.00 ? 2 PRO A CA  14 
ATOM   901  C C   . PRO A 1 2 ? 0.702  -1.226 -1.620 1.00 0.00 ? 2 PRO A C   14 
ATOM   902  O O   . PRO A 1 2 ? 1.489  -0.333 -1.309 1.00 0.00 ? 2 PRO A O   14 
ATOM   903  C CB  . PRO A 1 2 ? 1.784  -3.298 -2.553 1.00 0.00 ? 2 PRO A CB  14 
ATOM   904  C CG  . PRO A 1 2 ? 1.127  -4.609 -2.836 1.00 0.00 ? 2 PRO A CG  14 
ATOM   905  C CD  . PRO A 1 2 ? -0.307 -4.498 -2.328 1.00 0.00 ? 2 PRO A CD  14 
ATOM   906  H HA  . PRO A 1 2 ? 1.638  -2.782 -0.473 1.00 0.00 ? 2 PRO A HA  14 
ATOM   907  H HB2 . PRO A 1 2 ? 1.703  -2.645 -3.412 1.00 0.00 ? 2 PRO A HB2 14 
ATOM   908  H HB3 . PRO A 1 2 ? 2.821  -3.453 -2.299 1.00 0.00 ? 2 PRO A HB3 14 
ATOM   909  H HG2 . PRO A 1 2 ? 1.132  -4.803 -3.900 1.00 0.00 ? 2 PRO A HG2 14 
ATOM   910  H HG3 . PRO A 1 2 ? 1.637  -5.402 -2.311 1.00 0.00 ? 2 PRO A HG3 14 
ATOM   911  H HD2 . PRO A 1 2 ? -0.959 -4.116 -3.103 1.00 0.00 ? 2 PRO A HD2 14 
ATOM   912  H HD3 . PRO A 1 2 ? -0.660 -5.447 -1.960 1.00 0.00 ? 2 PRO A HD3 14 
ATOM   913  N N   . GLY A 1 3 ? -0.484 -0.991 -2.162 1.00 0.00 ? 3 GLY A N   14 
ATOM   914  C CA  . GLY A 1 3 ? -0.939 0.358  -2.427 1.00 0.00 ? 3 GLY A CA  14 
ATOM   915  C C   . GLY A 1 3 ? -0.816 1.196  -1.170 1.00 0.00 ? 3 GLY A C   14 
ATOM   916  O O   . GLY A 1 3 ? -0.401 2.353  -1.213 1.00 0.00 ? 3 GLY A O   14 
ATOM   917  H H   . GLY A 1 3 ? -1.071 -1.738 -2.365 1.00 0.00 ? 3 GLY A H   14 
ATOM   918  H HA2 . GLY A 1 3 ? -0.351 0.796  -3.223 1.00 0.00 ? 3 GLY A HA2 14 
ATOM   919  H HA3 . GLY A 1 3 ? -1.973 0.318  -2.717 1.00 0.00 ? 3 GLY A HA3 14 
ATOM   920  N N   . CYS A 1 4 ? -1.194 0.585  -0.052 1.00 0.00 ? 4 CYS A N   14 
ATOM   921  C CA  . CYS A 1 4 ? -1.144 1.245  1.243  1.00 0.00 ? 4 CYS A CA  14 
ATOM   922  C C   . CYS A 1 4 ? -0.216 2.467  1.201  1.00 0.00 ? 4 CYS A C   14 
ATOM   923  O O   . CYS A 1 4 ? -0.591 3.510  0.666  1.00 0.00 ? 4 CYS A O   14 
ATOM   924  C CB  . CYS A 1 4 ? -0.652 0.253  2.308  1.00 0.00 ? 4 CYS A CB  14 
ATOM   925  S SG  . CYS A 1 4 ? -2.016 -0.830 2.853  1.00 0.00 ? 4 CYS A SG  14 
ATOM   926  H H   . CYS A 1 4 ? -1.533 -0.332 -0.105 1.00 0.00 ? 4 CYS A H   14 
ATOM   927  H HA  . CYS A 1 4 ? -2.136 1.567  1.504  1.00 0.00 ? 4 CYS A HA  14 
ATOM   928  H HB2 . CYS A 1 4 ? 0.153  -0.341 1.915  1.00 0.00 ? 4 CYS A HB2 14 
ATOM   929  H HB3 . CYS A 1 4 ? -0.288 0.810  3.159  1.00 0.00 ? 4 CYS A HB3 14 
ATOM   930  N N   . LYS A 1 5 ? 0.987  2.347  1.764  1.00 0.00 ? 5 LYS A N   14 
ATOM   931  C CA  . LYS A 1 5 ? 1.929  3.462  1.768  1.00 0.00 ? 5 LYS A CA  14 
ATOM   932  C C   . LYS A 1 5 ? 2.418  3.758  0.353  1.00 0.00 ? 5 LYS A C   14 
ATOM   933  O O   . LYS A 1 5 ? 2.038  4.787  -0.181 1.00 0.00 ? 5 LYS A O   14 
ATOM   934  C CB  . LYS A 1 5 ? 3.127  3.137  2.665  1.00 0.00 ? 5 LYS A CB  14 
ATOM   935  C CG  . LYS A 1 5 ? 3.453  1.645  2.563  1.00 0.00 ? 5 LYS A CG  14 
ATOM   936  C CD  . LYS A 1 5 ? 2.841  0.907  3.755  1.00 0.00 ? 5 LYS A CD  14 
ATOM   937  C CE  . LYS A 1 5 ? 2.901  -0.602 3.512  1.00 0.00 ? 5 LYS A CE  14 
ATOM   938  N NZ  . LYS A 1 5 ? 1.634  -1.230 3.984  1.00 0.00 1 5 LYS A NZ  14 
ATOM   939  O OXT . LYS A 1 5 ? 3.167  2.951  -0.173 1.00 0.00 ? 5 LYS A OXT 14 
ATOM   940  H H   . LYS A 1 5 ? 1.246  1.506  2.182  1.00 0.00 ? 5 LYS A H   14 
ATOM   941  H HA  . LYS A 1 5 ? 1.432  4.338  2.156  1.00 0.00 ? 5 LYS A HA  14 
ATOM   942  H HB2 . LYS A 1 5 ? 3.982  3.716  2.346  1.00 0.00 ? 5 LYS A HB2 14 
ATOM   943  H HB3 . LYS A 1 5 ? 2.887  3.381  3.688  1.00 0.00 ? 5 LYS A HB3 14 
ATOM   944  H HG2 . LYS A 1 5 ? 3.045  1.249  1.644  1.00 0.00 ? 5 LYS A HG2 14 
ATOM   945  H HG3 . LYS A 1 5 ? 4.524  1.510  2.569  1.00 0.00 ? 5 LYS A HG3 14 
ATOM   946  H HD2 . LYS A 1 5 ? 3.395  1.149  4.652  1.00 0.00 ? 5 LYS A HD2 14 
ATOM   947  H HD3 . LYS A 1 5 ? 1.812  1.209  3.875  1.00 0.00 ? 5 LYS A HD3 14 
ATOM   948  H HE2 . LYS A 1 5 ? 3.025  -0.792 2.455  1.00 0.00 ? 5 LYS A HE2 14 
ATOM   949  H HE3 . LYS A 1 5 ? 3.735  -1.022 4.053  1.00 0.00 ? 5 LYS A HE3 14 
ATOM   950  H HZ1 . LYS A 1 5 ? 1.798  -2.238 4.179  1.00 0.00 ? 5 LYS A HZ1 14 
ATOM   951  H HZ2 . LYS A 1 5 ? 0.903  -1.132 3.250  1.00 0.00 ? 5 LYS A HZ2 14 
ATOM   952  H HZ3 . LYS A 1 5 ? 1.316  -0.759 4.855  1.00 0.00 ? 5 LYS A HZ3 14 
HETATM 953  N N   . DBB A 1 1 ? 0.062  -2.935 1.817  1.00 0.00 ? 1 DBB A N   15 
HETATM 954  C CA  . DBB A 1 1 ? -0.853 -2.383 0.798  1.00 0.00 ? 1 DBB A CA  15 
HETATM 955  C C   . DBB A 1 1 ? -1.096 -3.415 -0.300 1.00 0.00 ? 1 DBB A C   15 
HETATM 956  O O   . DBB A 1 1 ? -2.106 -4.118 -0.280 1.00 0.00 ? 1 DBB A O   15 
HETATM 957  C CB  . DBB A 1 1 ? -2.189 -2.000 1.436  1.00 0.00 ? 1 DBB A CB  15 
HETATM 958  C CG  . DBB A 1 1 ? -3.076 -1.356 0.363  1.00 0.00 ? 1 DBB A CG  15 
HETATM 959  H H2  . DBB A 1 1 ? 1.044  -2.819 1.491  1.00 0.00 ? 1 DBB A H2  15 
HETATM 960  H H   . DBB A 1 1 ? -0.072 -2.426 2.712  1.00 0.00 ? 1 DBB A H   15 
HETATM 961  H HA  . DBB A 1 1 ? -0.413 -1.527 0.365  1.00 0.00 ? 1 DBB A HA  15 
HETATM 962  H HB2 . DBB A 1 1 ? -2.665 -2.905 1.794  1.00 0.00 ? 1 DBB A HB2 15 
HETATM 963  H HG1 . DBB A 1 1 ? -4.053 -1.817 0.381  1.00 0.00 ? 1 DBB A HG1 15 
HETATM 964  H HG2 . DBB A 1 1 ? -2.631 -1.506 -0.612 1.00 0.00 ? 1 DBB A HG2 15 
HETATM 965  H HG3 . DBB A 1 1 ? -3.172 -0.301 0.557  1.00 0.00 ? 1 DBB A HG3 15 
HETATM 966  H HT3 . DBB A 1 1 ? -0.144 -3.942 1.955  1.00 0.00 ? 1 DBB A HT3 15 
ATOM   967  N N   . PRO A 1 2 ? -0.215 -3.503 -1.269 1.00 0.00 ? 2 PRO A N   15 
ATOM   968  C CA  . PRO A 1 2 ? 1.031  -2.673 -1.344 1.00 0.00 ? 2 PRO A CA  15 
ATOM   969  C C   . PRO A 1 2 ? 0.718  -1.209 -1.624 1.00 0.00 ? 2 PRO A C   15 
ATOM   970  O O   . PRO A 1 2 ? 1.519  -0.320 -1.337 1.00 0.00 ? 2 PRO A O   15 
ATOM   971  C CB  . PRO A 1 2 ? 1.821  -3.298 -2.493 1.00 0.00 ? 2 PRO A CB  15 
ATOM   972  C CG  . PRO A 1 2 ? 0.809  -3.994 -3.342 1.00 0.00 ? 2 PRO A CG  15 
ATOM   973  C CD  . PRO A 1 2 ? -0.337 -4.406 -2.417 1.00 0.00 ? 2 PRO A CD  15 
ATOM   974  H HA  . PRO A 1 2 ? 1.593  -2.764 -0.429 1.00 0.00 ? 2 PRO A HA  15 
ATOM   975  H HB2 . PRO A 1 2 ? 2.326  -2.529 -3.061 1.00 0.00 ? 2 PRO A HB2 15 
ATOM   976  H HB3 . PRO A 1 2 ? 2.534  -4.012 -2.112 1.00 0.00 ? 2 PRO A HB3 15 
ATOM   977  H HG2 . PRO A 1 2 ? 0.446  -3.321 -4.108 1.00 0.00 ? 2 PRO A HG2 15 
ATOM   978  H HG3 . PRO A 1 2 ? 1.243  -4.871 -3.794 1.00 0.00 ? 2 PRO A HG3 15 
ATOM   979  H HD2 . PRO A 1 2 ? -1.292 -4.261 -2.907 1.00 0.00 ? 2 PRO A HD2 15 
ATOM   980  H HD3 . PRO A 1 2 ? -0.225 -5.428 -2.097 1.00 0.00 ? 2 PRO A HD3 15 
ATOM   981  N N   . GLY A 1 3 ? -0.475 -0.975 -2.147 1.00 0.00 ? 3 GLY A N   15 
ATOM   982  C CA  . GLY A 1 3 ? -0.930 0.371  -2.424 1.00 0.00 ? 3 GLY A CA  15 
ATOM   983  C C   . GLY A 1 3 ? -0.820 1.205  -1.166 1.00 0.00 ? 3 GLY A C   15 
ATOM   984  O O   . GLY A 1 3 ? -0.420 2.368  -1.202 1.00 0.00 ? 3 GLY A O   15 
ATOM   985  H H   . GLY A 1 3 ? -1.072 -1.721 -2.324 1.00 0.00 ? 3 GLY A H   15 
ATOM   986  H HA2 . GLY A 1 3 ? -0.334 0.808  -3.214 1.00 0.00 ? 3 GLY A HA2 15 
ATOM   987  H HA3 . GLY A 1 3 ? -1.959 0.328  -2.723 1.00 0.00 ? 3 GLY A HA3 15 
ATOM   988  N N   . CYS A 1 4 ? -1.189 0.581  -0.051 1.00 0.00 ? 4 CYS A N   15 
ATOM   989  C CA  . CYS A 1 4 ? -1.147 1.233  1.247  1.00 0.00 ? 4 CYS A CA  15 
ATOM   990  C C   . CYS A 1 4 ? -0.231 2.460  1.212  1.00 0.00 ? 4 CYS A C   15 
ATOM   991  O O   . CYS A 1 4 ? -0.624 3.513  0.711  1.00 0.00 ? 4 CYS A O   15 
ATOM   992  C CB  . CYS A 1 4 ? -0.646 0.240  2.306  1.00 0.00 ? 4 CYS A CB  15 
ATOM   993  S SG  . CYS A 1 4 ? -2.000 -0.855 2.851  1.00 0.00 ? 4 CYS A SG  15 
ATOM   994  H H   . CYS A 1 4 ? -1.515 -0.341 -0.109 1.00 0.00 ? 4 CYS A H   15 
ATOM   995  H HA  . CYS A 1 4 ? -2.139 1.546  1.509  1.00 0.00 ? 4 CYS A HA  15 
ATOM   996  H HB2 . CYS A 1 4 ? 0.164  -0.345 1.909  1.00 0.00 ? 4 CYS A HB2 15 
ATOM   997  H HB3 . CYS A 1 4 ? -0.284 0.798  3.159  1.00 0.00 ? 4 CYS A HB3 15 
ATOM   998  N N   . LYS A 1 5 ? 0.984  2.329  1.737  1.00 0.00 ? 5 LYS A N   15 
ATOM   999  C CA  . LYS A 1 5 ? 1.924  3.442  1.746  1.00 0.00 ? 5 LYS A CA  15 
ATOM   1000 C C   . LYS A 1 5 ? 1.674  4.365  0.557  1.00 0.00 ? 5 LYS A C   15 
ATOM   1001 O O   . LYS A 1 5 ? 0.858  5.261  0.689  1.00 0.00 ? 5 LYS A O   15 
ATOM   1002 C CB  . LYS A 1 5 ? 3.355  2.910  1.691  1.00 0.00 ? 5 LYS A CB  15 
ATOM   1003 C CG  . LYS A 1 5 ? 3.470  1.660  2.565  1.00 0.00 ? 5 LYS A CG  15 
ATOM   1004 C CD  . LYS A 1 5 ? 3.033  0.433  1.763  1.00 0.00 ? 5 LYS A CD  15 
ATOM   1005 C CE  . LYS A 1 5 ? 4.264  -0.271 1.192  1.00 0.00 ? 5 LYS A CE  15 
ATOM   1006 N NZ  . LYS A 1 5 ? 4.800  -1.233 2.198  1.00 0.00 1 5 LYS A NZ  15 
ATOM   1007 O OXT . LYS A 1 5 ? 2.305  4.161  -0.467 1.00 0.00 ? 5 LYS A OXT 15 
ATOM   1008 H H   . LYS A 1 5 ? 1.256  1.475  2.123  1.00 0.00 ? 5 LYS A H   15 
ATOM   1009 H HA  . LYS A 1 5 ? 1.795  4.003  2.659  1.00 0.00 ? 5 LYS A HA  15 
ATOM   1010 H HB2 . LYS A 1 5 ? 3.609  2.662  0.670  1.00 0.00 ? 5 LYS A HB2 15 
ATOM   1011 H HB3 . LYS A 1 5 ? 4.031  3.666  2.056  1.00 0.00 ? 5 LYS A HB3 15 
ATOM   1012 H HG2 . LYS A 1 5 ? 4.495  1.538  2.885  1.00 0.00 ? 5 LYS A HG2 15 
ATOM   1013 H HG3 . LYS A 1 5 ? 2.833  1.768  3.431  1.00 0.00 ? 5 LYS A HG3 15 
ATOM   1014 H HD2 . LYS A 1 5 ? 2.496  -0.247 2.410  1.00 0.00 ? 5 LYS A HD2 15 
ATOM   1015 H HD3 . LYS A 1 5 ? 2.390  0.743  0.953  1.00 0.00 ? 5 LYS A HD3 15 
ATOM   1016 H HE2 . LYS A 1 5 ? 3.989  -0.806 0.295  1.00 0.00 ? 5 LYS A HE2 15 
ATOM   1017 H HE3 . LYS A 1 5 ? 5.021  0.462  0.956  1.00 0.00 ? 5 LYS A HE3 15 
ATOM   1018 H HZ1 . LYS A 1 5 ? 5.761  -1.521 1.924  1.00 0.00 ? 5 LYS A HZ1 15 
ATOM   1019 H HZ2 . LYS A 1 5 ? 4.185  -2.070 2.237  1.00 0.00 ? 5 LYS A HZ2 15 
ATOM   1020 H HZ3 . LYS A 1 5 ? 4.830  -0.778 3.132  1.00 0.00 ? 5 LYS A HZ3 15 
# 
